data_7UL3
#
_entry.id   7UL3
#
_cell.length_a   1.00
_cell.length_b   1.00
_cell.length_c   1.00
_cell.angle_alpha   90.00
_cell.angle_beta   90.00
_cell.angle_gamma   90.00
#
_symmetry.space_group_name_H-M   'P 1'
#
loop_
_entity.id
_entity.type
_entity.pdbx_description
1 polymer 'Histamine H2 receptor'
2 polymer 'Nanobody 6M'
3 polymer 'NabFab HC'
4 polymer 'NabFab LC'
5 non-polymer famotidine
#
loop_
_entity_poly.entity_id
_entity_poly.type
_entity_poly.pdbx_seq_one_letter_code
_entity_poly.pdbx_strand_id
1 'polypeptide(L)'
;DYKDDDDAMGQPGNGSAFLLAPNRSHAPDHDVENLYFQGMAPNGTASSFCLDSTACKITITVVLAVLILITVAGNVVVCL
AVGLNRRLRNLTNCFIVSLAITDLLLGLLVLPFSAIYQLSCKWSFGKVFCNIYTSLDVMLCTASILNLFMISLDRYCAVM
DPLRYPVLVTPVRVAISLVLIWVISITLSFLSIHLGWNSRNETSKGNHTTSKCKVQVNEVYGLVDGLVTFYLPLLIMCVC
YTLMILRLKSVRLLSGSREKDRNLRRITRLVLVVVAVFVICWFPYFTAFVYRGLRGDDAINEVLEAIVLWLGYANSALNP
ILYAALNRDFRTGYQQLFCCRLANRNSHKTSLRSNASQLSRTQSREPRQQEEKPLKLQVWSGTEVTAPQGATDRLEVLFQ
;
A
2 'polypeptide(L)'
;QRQLVESGGGLVQPGGSLRLSCAASGTIFRLYDMGWFRQAPGKEREGVASITSGGSTKYADSVKGRFTISRDNAKNTVYL
QMNSLEPEDTAVYYCNAEYRTGIWEELLDGWGKGTPVTVSSHHHHHHEPEA
;
C
3 'polypeptide(L)'
;EISEVQLVESGGGLVQPGGSLRLSCAASGFNFSYYSIHWVRQAPGKGLEWVAYISSSSSYTSYADSVKGRFTISADTSKN
TAYLQMNSLRAEDTAVYYCARGYQYWQYHASWYWNGGLDYWGQGTLVTVSSASTKGPSVFPLAPSSKSTSGGTAALGCLV
KDYFPEPVTVSWNSGALTSGVHTFPAVLQSSGLYSLSSVVTVPSSSLGTQTYICNVNHKPSNTKVDKKVEPKSCDKTHT
;
H
4 'polypeptide(L)'
;SDIQMTQSPSSLSASVGDRVTITCRASQSVSSAVAWYQQKPGKAPKLLIYSASSLYSGVPSRFSGSRSGTDFTLTISSLQ
PEDFATYYCQQSSSSLITFGQGTKVEIKRTVAAPSVFIFPPSDSQLKSGTASVVCLLNNFYPREAKVQWKVDNALQSGNS
QESVTEQDSKDSTYSLSSTLTLSKADYEKHKVYACEVTHQGLSSPVTKSFNRGEC
;
L
#
loop_
_chem_comp.id
_chem_comp.type
_chem_comp.name
_chem_comp.formula
FO9 non-polymer famotidine 'C8 H17 N7 O2 S3'
#
# COMPACT_ATOMS: atom_id res chain seq x y z
N ALA A 55 -28.10 -34.83 -50.31
CA ALA A 55 -27.24 -33.78 -49.78
C ALA A 55 -27.79 -33.24 -48.46
N CYS A 56 -29.02 -32.72 -48.51
CA CYS A 56 -29.64 -32.17 -47.32
C CYS A 56 -29.82 -33.24 -46.26
N LYS A 57 -30.20 -34.46 -46.67
CA LYS A 57 -30.44 -35.52 -45.71
C LYS A 57 -29.18 -35.83 -44.91
N ILE A 58 -28.02 -35.83 -45.57
CA ILE A 58 -26.77 -36.12 -44.88
C ILE A 58 -26.49 -35.05 -43.83
N THR A 59 -26.69 -33.78 -44.18
CA THR A 59 -26.45 -32.71 -43.23
C THR A 59 -27.41 -32.78 -42.04
N ILE A 60 -28.69 -33.03 -42.29
CA ILE A 60 -29.64 -33.10 -41.18
C ILE A 60 -29.34 -34.30 -40.28
N THR A 61 -28.99 -35.45 -40.87
CA THR A 61 -28.66 -36.60 -40.04
C THR A 61 -27.42 -36.33 -39.19
N VAL A 62 -26.41 -35.68 -39.77
CA VAL A 62 -25.22 -35.34 -38.98
C VAL A 62 -25.60 -34.40 -37.84
N VAL A 63 -26.45 -33.41 -38.12
CA VAL A 63 -26.85 -32.47 -37.07
C VAL A 63 -27.57 -33.20 -35.95
N LEU A 64 -28.49 -34.10 -36.29
CA LEU A 64 -29.21 -34.85 -35.26
C LEU A 64 -28.27 -35.74 -34.47
N ALA A 65 -27.31 -36.37 -35.14
CA ALA A 65 -26.35 -37.21 -34.42
C ALA A 65 -25.52 -36.38 -33.46
N VAL A 66 -25.10 -35.19 -33.90
CA VAL A 66 -24.34 -34.29 -33.03
C VAL A 66 -25.17 -33.89 -31.82
N LEU A 67 -26.45 -33.59 -32.04
CA LEU A 67 -27.30 -33.18 -30.93
C LEU A 67 -27.44 -34.30 -29.91
N ILE A 68 -27.77 -35.51 -30.38
CA ILE A 68 -27.87 -36.65 -29.47
C ILE A 68 -26.55 -36.84 -28.72
N LEU A 69 -25.42 -36.71 -29.42
CA LEU A 69 -24.13 -36.96 -28.78
C LEU A 69 -23.89 -35.94 -27.68
N ILE A 70 -24.16 -34.66 -27.96
CA ILE A 70 -23.92 -33.64 -26.95
C ILE A 70 -24.83 -33.86 -25.76
N THR A 71 -26.09 -34.21 -26.00
CA THR A 71 -27.01 -34.39 -24.88
C THR A 71 -26.53 -35.51 -23.96
N VAL A 72 -26.15 -36.64 -24.56
CA VAL A 72 -25.76 -37.80 -23.74
C VAL A 72 -24.46 -37.49 -23.00
N ALA A 73 -23.48 -36.94 -23.72
CA ALA A 73 -22.18 -36.72 -23.12
C ALA A 73 -22.28 -35.67 -22.02
N GLY A 74 -22.99 -34.58 -22.27
CA GLY A 74 -23.09 -33.54 -21.28
C GLY A 74 -23.80 -34.03 -20.03
N ASN A 75 -24.89 -34.78 -20.19
CA ASN A 75 -25.61 -35.24 -19.00
C ASN A 75 -24.78 -36.24 -18.19
N VAL A 76 -24.05 -37.14 -18.86
CA VAL A 76 -23.19 -38.03 -18.10
C VAL A 76 -22.07 -37.25 -17.41
N VAL A 77 -21.54 -36.22 -18.07
CA VAL A 77 -20.51 -35.40 -17.45
C VAL A 77 -21.04 -34.74 -16.18
N VAL A 78 -22.21 -34.13 -16.26
CA VAL A 78 -22.79 -33.50 -15.07
C VAL A 78 -22.97 -34.53 -13.96
N CYS A 79 -23.48 -35.72 -14.30
CA CYS A 79 -23.72 -36.70 -13.26
C CYS A 79 -22.42 -37.12 -12.60
N LEU A 80 -21.38 -37.36 -13.42
CA LEU A 80 -20.11 -37.83 -12.89
C LEU A 80 -19.48 -36.76 -12.01
N ALA A 81 -19.49 -35.51 -12.47
CA ALA A 81 -18.85 -34.46 -11.69
C ALA A 81 -19.55 -34.28 -10.35
N VAL A 82 -20.89 -34.21 -10.37
CA VAL A 82 -21.61 -33.94 -9.13
C VAL A 82 -21.43 -35.10 -8.15
N GLY A 83 -21.54 -36.34 -8.64
CA GLY A 83 -21.37 -37.49 -7.76
C GLY A 83 -19.96 -37.63 -7.21
N LEU A 84 -18.96 -37.49 -8.07
CA LEU A 84 -17.58 -37.77 -7.68
C LEU A 84 -17.03 -36.74 -6.68
N ASN A 85 -17.28 -35.46 -6.91
CA ASN A 85 -16.66 -34.41 -6.10
C ASN A 85 -17.48 -34.14 -4.85
N ARG A 86 -16.81 -34.16 -3.69
CA ARG A 86 -17.47 -33.92 -2.42
C ARG A 86 -17.99 -32.49 -2.31
N ARG A 87 -17.24 -31.53 -2.85
CA ARG A 87 -17.61 -30.12 -2.68
C ARG A 87 -18.97 -29.83 -3.29
N LEU A 88 -19.27 -30.45 -4.43
CA LEU A 88 -20.48 -30.16 -5.19
C LEU A 88 -21.68 -30.99 -4.72
N ARG A 89 -21.54 -31.75 -3.64
CA ARG A 89 -22.66 -32.50 -3.08
C ARG A 89 -23.36 -31.63 -2.05
N ASN A 90 -24.48 -31.03 -2.44
CA ASN A 90 -25.28 -30.18 -1.58
C ASN A 90 -26.75 -30.44 -1.91
N LEU A 91 -27.64 -29.98 -1.01
CA LEU A 91 -29.05 -30.29 -1.16
C LEU A 91 -29.69 -29.58 -2.35
N THR A 92 -29.10 -28.48 -2.81
CA THR A 92 -29.62 -27.82 -4.00
C THR A 92 -29.27 -28.58 -5.27
N ASN A 93 -28.14 -29.30 -5.27
CA ASN A 93 -27.70 -30.07 -6.43
C ASN A 93 -28.42 -31.41 -6.58
N CYS A 94 -29.24 -31.82 -5.61
CA CYS A 94 -30.08 -32.99 -5.81
C CYS A 94 -31.09 -32.74 -6.94
N PHE A 95 -31.68 -31.56 -6.97
CA PHE A 95 -32.60 -31.22 -8.05
C PHE A 95 -31.87 -31.14 -9.39
N ILE A 96 -30.64 -30.63 -9.40
CA ILE A 96 -29.87 -30.56 -10.64
C ILE A 96 -29.52 -31.95 -11.15
N VAL A 97 -29.14 -32.87 -10.26
CA VAL A 97 -28.87 -34.23 -10.71
C VAL A 97 -30.15 -34.90 -11.22
N SER A 98 -31.29 -34.64 -10.56
CA SER A 98 -32.54 -35.19 -11.05
C SER A 98 -32.83 -34.66 -12.45
N LEU A 99 -32.57 -33.37 -12.69
CA LEU A 99 -32.78 -32.79 -14.01
C LEU A 99 -31.82 -33.41 -15.03
N ALA A 100 -30.60 -33.73 -14.58
CA ALA A 100 -29.64 -34.38 -15.47
C ALA A 100 -30.12 -35.77 -15.87
N ILE A 101 -30.67 -36.55 -14.93
CA ILE A 101 -31.22 -37.86 -15.29
C ILE A 101 -32.44 -37.69 -16.21
N THR A 102 -33.26 -36.67 -15.96
CA THR A 102 -34.46 -36.45 -16.76
C THR A 102 -34.16 -35.95 -18.15
N ASP A 103 -32.97 -35.39 -18.38
CA ASP A 103 -32.56 -35.06 -19.74
C ASP A 103 -31.63 -36.10 -20.33
N LEU A 104 -31.05 -36.96 -19.50
CA LEU A 104 -30.28 -38.09 -20.00
C LEU A 104 -31.19 -39.11 -20.67
N LEU A 105 -32.30 -39.45 -20.02
CA LEU A 105 -33.18 -40.46 -20.59
C LEU A 105 -33.79 -39.99 -21.90
N LEU A 106 -34.25 -38.74 -21.96
CA LEU A 106 -34.85 -38.24 -23.19
C LEU A 106 -33.93 -38.45 -24.38
N GLY A 107 -32.63 -38.24 -24.18
CA GLY A 107 -31.65 -38.41 -25.24
C GLY A 107 -31.31 -39.85 -25.53
N LEU A 108 -31.20 -40.65 -24.48
CA LEU A 108 -30.86 -42.07 -24.64
C LEU A 108 -31.95 -42.84 -25.36
N LEU A 109 -33.22 -42.52 -25.08
CA LEU A 109 -34.35 -43.30 -25.61
C LEU A 109 -35.18 -42.50 -26.62
N VAL A 110 -35.85 -41.43 -26.19
CA VAL A 110 -36.82 -40.76 -27.04
C VAL A 110 -36.18 -40.17 -28.30
N LEU A 111 -35.00 -39.55 -28.17
CA LEU A 111 -34.45 -38.81 -29.31
C LEU A 111 -34.09 -39.68 -30.52
N PRO A 112 -33.48 -40.86 -30.38
CA PRO A 112 -33.19 -41.66 -31.58
C PRO A 112 -34.41 -42.03 -32.41
N PHE A 113 -35.51 -42.42 -31.75
CA PHE A 113 -36.71 -42.74 -32.51
C PHE A 113 -37.28 -41.50 -33.18
N SER A 114 -37.26 -40.35 -32.49
CA SER A 114 -37.75 -39.12 -33.12
C SER A 114 -36.90 -38.78 -34.34
N ALA A 115 -35.60 -39.03 -34.26
CA ALA A 115 -34.70 -38.79 -35.40
C ALA A 115 -35.08 -39.69 -36.56
N ILE A 116 -35.15 -40.99 -36.32
CA ILE A 116 -35.53 -41.94 -37.37
C ILE A 116 -36.84 -41.49 -38.01
N TYR A 117 -37.84 -41.21 -37.18
CA TYR A 117 -39.15 -40.87 -37.72
C TYR A 117 -39.07 -39.60 -38.56
N GLN A 118 -38.32 -38.60 -38.10
CA GLN A 118 -38.24 -37.32 -38.80
C GLN A 118 -37.58 -37.49 -40.16
N LEU A 119 -36.44 -38.17 -40.20
CA LEU A 119 -35.70 -38.31 -41.45
C LEU A 119 -36.42 -39.25 -42.42
N SER A 120 -36.79 -40.45 -41.96
CA SER A 120 -37.43 -41.41 -42.84
C SER A 120 -38.82 -40.95 -43.27
N CYS A 121 -39.55 -40.30 -42.36
CA CYS A 121 -40.90 -39.78 -42.59
C CYS A 121 -41.96 -40.88 -42.50
N LYS A 122 -41.63 -42.04 -41.92
CA LYS A 122 -42.60 -43.10 -41.72
C LYS A 122 -42.39 -43.74 -40.36
N TRP A 123 -43.47 -44.25 -39.78
CA TRP A 123 -43.41 -45.02 -38.55
C TRP A 123 -43.61 -46.50 -38.87
N SER A 124 -42.77 -47.35 -38.25
CA SER A 124 -42.80 -48.78 -38.54
C SER A 124 -42.82 -49.67 -37.30
N PHE A 125 -42.42 -49.17 -36.13
CA PHE A 125 -42.29 -50.05 -34.96
C PHE A 125 -43.63 -50.60 -34.53
N GLY A 126 -44.70 -49.81 -34.63
CA GLY A 126 -46.02 -50.30 -34.29
C GLY A 126 -46.69 -49.53 -33.17
N LYS A 127 -48.02 -49.66 -33.07
CA LYS A 127 -48.77 -48.88 -32.10
C LYS A 127 -48.35 -49.20 -30.67
N VAL A 128 -48.05 -50.47 -30.40
CA VAL A 128 -47.72 -50.88 -29.04
C VAL A 128 -46.50 -50.11 -28.54
N PHE A 129 -45.44 -50.06 -29.35
CA PHE A 129 -44.27 -49.28 -28.98
C PHE A 129 -44.58 -47.79 -28.99
N CYS A 130 -45.26 -47.32 -30.05
CA CYS A 130 -45.54 -45.90 -30.21
C CYS A 130 -46.20 -45.29 -28.98
N ASN A 131 -47.15 -46.00 -28.37
CA ASN A 131 -47.77 -45.48 -27.17
C ASN A 131 -46.77 -45.36 -26.02
N ILE A 132 -45.87 -46.33 -25.89
CA ILE A 132 -44.82 -46.26 -24.88
C ILE A 132 -43.93 -45.04 -25.12
N TYR A 133 -43.54 -44.83 -26.37
CA TYR A 133 -42.66 -43.72 -26.74
C TYR A 133 -43.28 -42.36 -26.46
N THR A 134 -44.56 -42.17 -26.80
CA THR A 134 -45.21 -40.91 -26.48
C THR A 134 -45.47 -40.75 -24.98
N SER A 135 -45.80 -41.83 -24.28
CA SER A 135 -45.99 -41.74 -22.85
C SER A 135 -44.68 -41.39 -22.16
N LEU A 136 -43.59 -42.01 -22.60
CA LEU A 136 -42.28 -41.75 -22.04
C LEU A 136 -41.89 -40.31 -22.29
N ASP A 137 -42.15 -39.84 -23.50
CA ASP A 137 -41.85 -38.48 -23.90
C ASP A 137 -42.61 -37.46 -23.07
N VAL A 138 -43.87 -37.75 -22.79
CA VAL A 138 -44.74 -36.91 -21.96
C VAL A 138 -44.32 -36.90 -20.50
N MET A 139 -43.89 -38.06 -20.01
CA MET A 139 -43.49 -38.22 -18.61
C MET A 139 -42.21 -37.44 -18.34
N LEU A 140 -41.25 -37.48 -19.27
CA LEU A 140 -40.00 -36.77 -19.05
C LEU A 140 -40.22 -35.26 -19.02
N CYS A 141 -41.14 -34.76 -19.86
CA CYS A 141 -41.44 -33.32 -19.78
C CYS A 141 -42.10 -32.98 -18.45
N THR A 142 -43.02 -33.83 -17.97
CA THR A 142 -43.63 -33.56 -16.68
C THR A 142 -42.61 -33.69 -15.55
N ALA A 143 -41.58 -34.50 -15.75
CA ALA A 143 -40.56 -34.70 -14.73
C ALA A 143 -39.43 -33.67 -14.84
N SER A 144 -39.55 -32.71 -15.76
CA SER A 144 -38.60 -31.61 -15.82
C SER A 144 -39.23 -30.29 -15.41
N ILE A 145 -40.55 -30.16 -15.60
CA ILE A 145 -41.23 -28.91 -15.23
C ILE A 145 -41.60 -28.92 -13.75
N LEU A 146 -41.36 -30.04 -13.06
CA LEU A 146 -41.58 -30.13 -11.62
C LEU A 146 -40.28 -30.00 -10.85
N ASN A 147 -39.18 -30.49 -11.42
CA ASN A 147 -37.87 -30.26 -10.83
C ASN A 147 -37.49 -28.78 -10.90
N LEU A 148 -37.84 -28.10 -12.00
CA LEU A 148 -37.58 -26.67 -12.04
C LEU A 148 -38.39 -25.94 -10.97
N PHE A 149 -39.63 -26.38 -10.74
CA PHE A 149 -40.45 -25.79 -9.69
C PHE A 149 -39.83 -26.01 -8.32
N MET A 150 -39.31 -27.21 -8.06
CA MET A 150 -38.74 -27.48 -6.74
C MET A 150 -37.47 -26.68 -6.52
N ILE A 151 -36.60 -26.56 -7.53
CA ILE A 151 -35.39 -25.77 -7.34
C ILE A 151 -35.76 -24.31 -7.10
N SER A 152 -36.80 -23.81 -7.79
CA SER A 152 -37.18 -22.42 -7.55
C SER A 152 -37.79 -22.23 -6.17
N LEU A 153 -38.46 -23.27 -5.65
CA LEU A 153 -38.95 -23.20 -4.27
C LEU A 153 -37.79 -23.23 -3.28
N ASP A 154 -36.76 -24.01 -3.58
CA ASP A 154 -35.57 -24.02 -2.74
C ASP A 154 -34.97 -22.63 -2.65
N ARG A 155 -34.86 -21.96 -3.80
CA ARG A 155 -34.18 -20.67 -3.82
C ARG A 155 -35.04 -19.61 -3.13
N TYR A 156 -36.36 -19.67 -3.31
CA TYR A 156 -37.24 -18.75 -2.59
C TYR A 156 -37.11 -18.96 -1.09
N CYS A 157 -37.08 -20.22 -0.65
CA CYS A 157 -36.97 -20.50 0.78
C CYS A 157 -35.66 -19.97 1.35
N ALA A 158 -34.57 -20.17 0.62
CA ALA A 158 -33.26 -19.73 1.10
C ALA A 158 -33.18 -18.21 1.17
N VAL A 159 -33.54 -17.53 0.08
CA VAL A 159 -33.39 -16.07 0.01
C VAL A 159 -34.37 -15.39 0.97
N MET A 160 -35.67 -15.65 0.81
CA MET A 160 -36.68 -14.94 1.59
C MET A 160 -36.51 -15.13 3.09
N ASP A 161 -36.15 -16.33 3.54
CA ASP A 161 -36.11 -16.64 4.96
C ASP A 161 -34.74 -17.18 5.37
N PRO A 162 -33.73 -16.33 5.43
CA PRO A 162 -32.39 -16.82 5.76
C PRO A 162 -32.32 -17.17 7.24
N LEU A 163 -31.38 -18.07 7.56
CA LEU A 163 -31.10 -18.57 8.90
C LEU A 163 -32.09 -19.68 9.26
N ARG A 164 -33.14 -19.88 8.48
CA ARG A 164 -34.09 -20.97 8.65
C ARG A 164 -33.99 -21.98 7.52
N TYR A 165 -33.12 -21.72 6.53
CA TYR A 165 -32.97 -22.66 5.43
C TYR A 165 -32.49 -24.05 5.88
N PRO A 166 -31.51 -24.18 6.78
CA PRO A 166 -31.15 -25.54 7.22
C PRO A 166 -32.27 -26.29 7.89
N VAL A 167 -33.05 -25.63 8.75
CA VAL A 167 -34.12 -26.32 9.46
C VAL A 167 -35.24 -26.72 8.50
N LEU A 168 -35.67 -25.80 7.63
CA LEU A 168 -36.81 -26.08 6.77
C LEU A 168 -36.49 -27.14 5.72
N VAL A 169 -35.38 -26.98 5.00
CA VAL A 169 -35.07 -27.88 3.90
C VAL A 169 -34.26 -29.07 4.39
N THR A 170 -34.94 -29.98 5.11
CA THR A 170 -34.28 -31.18 5.62
C THR A 170 -34.08 -32.20 4.49
N PRO A 171 -33.04 -33.04 4.59
CA PRO A 171 -32.78 -33.99 3.49
C PRO A 171 -33.92 -34.98 3.26
N VAL A 172 -34.59 -35.40 4.32
CA VAL A 172 -35.73 -36.29 4.16
C VAL A 172 -36.79 -35.62 3.29
N ARG A 173 -37.00 -34.32 3.47
CA ARG A 173 -38.00 -33.63 2.67
C ARG A 173 -37.61 -33.70 1.20
N VAL A 174 -36.33 -33.54 0.89
CA VAL A 174 -35.86 -33.58 -0.49
C VAL A 174 -36.11 -34.97 -1.08
N ALA A 175 -35.87 -36.02 -0.29
CA ALA A 175 -36.15 -37.37 -0.77
C ALA A 175 -37.65 -37.54 -1.05
N ILE A 176 -38.50 -37.03 -0.15
CA ILE A 176 -39.94 -37.14 -0.36
C ILE A 176 -40.33 -36.40 -1.63
N SER A 177 -39.76 -35.20 -1.84
CA SER A 177 -40.12 -34.43 -3.02
C SER A 177 -39.74 -35.15 -4.30
N LEU A 178 -38.53 -35.73 -4.35
CA LEU A 178 -38.15 -36.46 -5.57
C LEU A 178 -39.03 -37.68 -5.79
N VAL A 179 -39.32 -38.44 -4.73
CA VAL A 179 -40.13 -39.64 -4.90
C VAL A 179 -41.53 -39.26 -5.38
N LEU A 180 -42.12 -38.24 -4.76
CA LEU A 180 -43.44 -37.80 -5.17
C LEU A 180 -43.43 -37.33 -6.61
N ILE A 181 -42.39 -36.61 -7.01
CA ILE A 181 -42.37 -36.05 -8.36
C ILE A 181 -42.35 -37.16 -9.39
N TRP A 182 -41.50 -38.16 -9.18
CA TRP A 182 -41.48 -39.26 -10.14
C TRP A 182 -42.77 -40.06 -10.11
N VAL A 183 -43.33 -40.30 -8.93
CA VAL A 183 -44.56 -41.09 -8.86
C VAL A 183 -45.69 -40.39 -9.60
N ILE A 184 -45.84 -39.07 -9.35
CA ILE A 184 -46.90 -38.33 -10.03
C ILE A 184 -46.65 -38.31 -11.53
N SER A 185 -45.39 -38.17 -11.95
CA SER A 185 -45.11 -38.09 -13.37
C SER A 185 -45.50 -39.38 -14.06
N ILE A 186 -45.06 -40.52 -13.51
CA ILE A 186 -45.33 -41.79 -14.16
C ILE A 186 -46.81 -42.10 -14.14
N THR A 187 -47.47 -41.87 -12.99
CA THR A 187 -48.89 -42.19 -12.91
C THR A 187 -49.68 -41.36 -13.91
N LEU A 188 -49.39 -40.06 -13.99
CA LEU A 188 -50.15 -39.21 -14.91
C LEU A 188 -49.88 -39.63 -16.35
N SER A 189 -48.63 -39.96 -16.67
CA SER A 189 -48.30 -40.27 -18.05
C SER A 189 -49.02 -41.54 -18.48
N PHE A 190 -49.06 -42.56 -17.62
CA PHE A 190 -49.64 -43.81 -18.08
C PHE A 190 -51.13 -43.92 -17.79
N LEU A 191 -51.69 -42.99 -17.02
CA LEU A 191 -53.13 -42.92 -16.84
C LEU A 191 -53.75 -41.91 -17.79
N SER A 192 -52.92 -41.25 -18.60
CA SER A 192 -53.39 -40.43 -19.69
C SER A 192 -52.93 -41.00 -21.02
N ILE A 193 -52.16 -42.09 -20.99
CA ILE A 193 -51.75 -42.80 -22.19
C ILE A 193 -52.47 -44.14 -22.30
N HIS A 194 -52.39 -44.98 -21.26
CA HIS A 194 -53.09 -46.26 -21.29
C HIS A 194 -54.60 -46.06 -21.30
N LEU A 195 -55.11 -45.08 -20.56
CA LEU A 195 -56.54 -44.87 -20.42
C LEU A 195 -57.09 -43.86 -21.41
N GLY A 196 -56.27 -43.34 -22.32
CA GLY A 196 -56.76 -42.46 -23.36
C GLY A 196 -56.87 -41.02 -22.88
N TRP A 197 -57.31 -40.17 -23.80
CA TRP A 197 -57.42 -38.73 -23.56
C TRP A 197 -56.06 -38.05 -23.65
N CYS A 213 -46.36 -40.96 -35.35
CA CYS A 213 -46.74 -40.82 -33.96
C CYS A 213 -46.80 -39.36 -33.54
N LYS A 214 -47.92 -38.96 -32.95
CA LYS A 214 -48.10 -37.60 -32.49
C LYS A 214 -49.04 -37.58 -31.30
N VAL A 215 -48.83 -36.61 -30.41
CA VAL A 215 -49.76 -36.40 -29.31
C VAL A 215 -51.12 -36.02 -29.88
N GLN A 216 -52.17 -36.62 -29.35
CA GLN A 216 -53.51 -36.46 -29.91
C GLN A 216 -54.25 -35.36 -29.13
N VAL A 217 -54.34 -34.18 -29.76
CA VAL A 217 -55.08 -33.07 -29.17
C VAL A 217 -56.57 -33.34 -29.31
N ASN A 218 -57.34 -32.83 -28.36
CA ASN A 218 -58.80 -32.97 -28.42
C ASN A 218 -59.44 -31.76 -27.73
N GLU A 219 -60.71 -31.92 -27.32
CA GLU A 219 -61.46 -30.80 -26.78
C GLU A 219 -60.96 -30.34 -25.40
N VAL A 220 -60.77 -31.29 -24.47
CA VAL A 220 -60.47 -30.92 -23.09
C VAL A 220 -59.13 -31.45 -22.59
N TYR A 221 -58.70 -32.60 -23.10
CA TYR A 221 -57.42 -33.15 -22.69
C TYR A 221 -56.26 -32.29 -23.19
N GLY A 222 -56.27 -31.99 -24.48
CA GLY A 222 -55.23 -31.20 -25.09
C GLY A 222 -55.17 -29.76 -24.59
N LEU A 223 -56.32 -29.13 -24.49
CA LEU A 223 -56.36 -27.75 -24.01
C LEU A 223 -55.94 -27.63 -22.55
N VAL A 224 -56.43 -28.57 -21.74
CA VAL A 224 -56.13 -28.56 -20.31
C VAL A 224 -54.66 -28.76 -19.99
N ASP A 225 -53.99 -29.65 -20.71
CA ASP A 225 -52.59 -29.90 -20.44
C ASP A 225 -51.68 -28.70 -20.67
N GLY A 226 -51.90 -27.97 -21.77
CA GLY A 226 -51.13 -26.74 -22.05
C GLY A 226 -51.28 -25.77 -20.89
N LEU A 227 -52.52 -25.43 -20.51
CA LEU A 227 -52.81 -24.43 -19.44
C LEU A 227 -52.32 -24.89 -18.06
N VAL A 228 -52.44 -26.17 -17.69
CA VAL A 228 -52.12 -26.66 -16.32
C VAL A 228 -50.64 -27.02 -16.19
N THR A 229 -50.00 -27.61 -17.20
CA THR A 229 -48.59 -28.09 -17.10
C THR A 229 -47.58 -26.95 -17.26
N PHE A 230 -47.68 -26.11 -18.31
CA PHE A 230 -46.69 -25.08 -18.58
C PHE A 230 -47.09 -23.72 -17.97
N TYR A 231 -48.25 -23.21 -18.38
CA TYR A 231 -48.63 -21.84 -18.05
C TYR A 231 -48.85 -21.62 -16.56
N LEU A 232 -49.39 -22.61 -15.84
CA LEU A 232 -49.65 -22.38 -14.42
C LEU A 232 -48.37 -22.35 -13.59
N PRO A 233 -47.45 -23.31 -13.70
CA PRO A 233 -46.20 -23.17 -12.93
C PRO A 233 -45.40 -21.93 -13.28
N LEU A 234 -45.50 -21.47 -14.53
CA LEU A 234 -44.71 -20.34 -14.99
C LEU A 234 -45.02 -19.08 -14.20
N LEU A 235 -46.29 -18.84 -13.89
CA LEU A 235 -46.65 -17.59 -13.22
C LEU A 235 -46.27 -17.61 -11.75
N ILE A 236 -46.39 -18.76 -11.09
CA ILE A 236 -45.88 -18.88 -9.73
C ILE A 236 -44.38 -18.65 -9.70
N MET A 237 -43.65 -19.24 -10.66
CA MET A 237 -42.21 -19.06 -10.69
C MET A 237 -41.84 -17.60 -10.97
N CYS A 238 -42.59 -16.93 -11.84
CA CYS A 238 -42.34 -15.51 -12.12
C CYS A 238 -42.58 -14.66 -10.88
N VAL A 239 -43.65 -14.93 -10.14
CA VAL A 239 -43.91 -14.17 -8.90
C VAL A 239 -42.78 -14.40 -7.89
N CYS A 240 -42.38 -15.66 -7.72
CA CYS A 240 -41.29 -15.95 -6.79
C CYS A 240 -40.02 -15.21 -7.18
N TYR A 241 -39.67 -15.20 -8.48
CA TYR A 241 -38.45 -14.52 -8.89
C TYR A 241 -38.57 -13.00 -8.78
N THR A 242 -39.73 -12.43 -9.08
CA THR A 242 -39.84 -10.97 -8.96
C THR A 242 -39.65 -10.56 -7.51
N LEU A 243 -40.29 -11.28 -6.59
CA LEU A 243 -40.14 -10.95 -5.18
C LEU A 243 -38.70 -11.15 -4.73
N MET A 244 -38.06 -12.23 -5.20
CA MET A 244 -36.67 -12.48 -4.80
C MET A 244 -35.74 -11.39 -5.30
N ILE A 245 -35.93 -10.92 -6.54
CA ILE A 245 -35.09 -9.84 -7.05
C ILE A 245 -35.33 -8.56 -6.25
N LEU A 246 -36.60 -8.27 -5.91
CA LEU A 246 -36.86 -7.03 -5.20
C LEU A 246 -36.21 -7.04 -3.81
N ARG A 247 -36.34 -8.16 -3.09
CA ARG A 247 -35.69 -8.24 -1.79
C ARG A 247 -34.17 -8.21 -1.93
N LEU A 248 -33.65 -8.88 -2.96
CA LEU A 248 -32.20 -8.93 -3.14
C LEU A 248 -31.65 -7.54 -3.35
N LYS A 249 -32.35 -6.73 -4.14
CA LYS A 249 -31.91 -5.35 -4.37
C LYS A 249 -32.02 -4.53 -3.08
N SER A 250 -33.13 -4.69 -2.34
CA SER A 250 -33.34 -3.86 -1.17
C SER A 250 -32.29 -4.13 -0.08
N VAL A 251 -32.01 -5.41 0.20
CA VAL A 251 -31.13 -5.75 1.31
C VAL A 251 -29.68 -5.42 0.97
N ARG A 252 -28.89 -5.18 2.03
CA ARG A 252 -27.46 -4.84 1.92
C ARG A 252 -26.55 -6.04 2.16
N LEU A 253 -26.72 -6.71 3.29
CA LEU A 253 -25.91 -7.86 3.63
C LEU A 253 -26.81 -9.09 3.80
N LEU A 254 -26.43 -10.22 3.20
CA LEU A 254 -27.26 -11.41 3.31
C LEU A 254 -26.50 -12.52 4.06
N SER A 255 -27.12 -13.07 5.12
CA SER A 255 -26.56 -14.16 5.95
C SER A 255 -25.25 -13.83 6.66
N SER A 257 -21.99 -13.26 6.62
CA SER A 257 -20.70 -13.35 5.97
C SER A 257 -20.74 -12.84 4.52
N ARG A 258 -19.68 -12.16 4.08
CA ARG A 258 -19.62 -11.65 2.71
C ARG A 258 -19.61 -12.81 1.70
N GLU A 259 -18.87 -13.85 2.02
CA GLU A 259 -18.77 -15.02 1.14
C GLU A 259 -20.12 -15.71 1.00
N LYS A 260 -20.88 -15.82 2.09
CA LYS A 260 -22.20 -16.43 2.01
C LYS A 260 -23.12 -15.59 1.13
N ASP A 261 -23.05 -14.26 1.25
CA ASP A 261 -23.87 -13.41 0.39
C ASP A 261 -23.53 -13.63 -1.07
N ARG A 262 -22.24 -13.70 -1.39
CA ARG A 262 -21.84 -13.87 -2.79
C ARG A 262 -22.25 -15.25 -3.30
N ASN A 263 -22.17 -16.27 -2.45
CA ASN A 263 -22.63 -17.60 -2.86
C ASN A 263 -24.11 -17.60 -3.15
N LEU A 264 -24.92 -16.99 -2.27
CA LEU A 264 -26.35 -17.00 -2.51
C LEU A 264 -26.67 -16.27 -3.81
N ARG A 265 -26.03 -15.12 -4.05
CA ARG A 265 -26.34 -14.36 -5.24
C ARG A 265 -25.94 -15.12 -6.50
N ARG A 266 -24.78 -15.79 -6.49
CA ARG A 266 -24.34 -16.50 -7.68
C ARG A 266 -25.23 -17.71 -7.96
N ILE A 267 -25.60 -18.46 -6.92
CA ILE A 267 -26.51 -19.59 -7.13
C ILE A 267 -27.88 -19.12 -7.62
N THR A 268 -28.37 -18.00 -7.07
CA THR A 268 -29.65 -17.48 -7.54
C THR A 268 -29.56 -17.08 -9.01
N ARG A 269 -28.42 -16.52 -9.43
CA ARG A 269 -28.27 -16.20 -10.85
C ARG A 269 -28.29 -17.47 -11.68
N LEU A 270 -27.63 -18.52 -11.20
CA LEU A 270 -27.58 -19.77 -11.95
C LEU A 270 -28.99 -20.31 -12.17
N VAL A 271 -29.78 -20.36 -11.09
CA VAL A 271 -31.12 -20.91 -11.20
C VAL A 271 -31.97 -20.04 -12.12
N LEU A 272 -31.85 -18.71 -11.98
CA LEU A 272 -32.69 -17.84 -12.79
C LEU A 272 -32.38 -17.96 -14.27
N VAL A 273 -31.11 -18.18 -14.62
CA VAL A 273 -30.77 -18.30 -16.03
C VAL A 273 -31.21 -19.66 -16.58
N VAL A 274 -31.07 -20.72 -15.78
CA VAL A 274 -31.54 -22.03 -16.24
C VAL A 274 -33.05 -22.01 -16.46
N VAL A 275 -33.79 -21.36 -15.55
CA VAL A 275 -35.24 -21.27 -15.70
C VAL A 275 -35.62 -20.45 -16.92
N ALA A 276 -34.94 -19.32 -17.14
CA ALA A 276 -35.31 -18.49 -18.27
C ALA A 276 -34.99 -19.18 -19.59
N VAL A 277 -33.87 -19.92 -19.64
CA VAL A 277 -33.54 -20.68 -20.84
C VAL A 277 -34.60 -21.74 -21.10
N PHE A 278 -35.04 -22.44 -20.05
CA PHE A 278 -36.08 -23.46 -20.26
C PHE A 278 -37.35 -22.84 -20.81
N VAL A 279 -37.76 -21.71 -20.25
CA VAL A 279 -39.01 -21.09 -20.67
C VAL A 279 -38.90 -20.62 -22.12
N ILE A 280 -37.78 -19.98 -22.49
CA ILE A 280 -37.62 -19.50 -23.85
C ILE A 280 -37.55 -20.65 -24.84
N CYS A 281 -36.92 -21.77 -24.46
CA CYS A 281 -36.87 -22.91 -25.38
C CYS A 281 -38.23 -23.55 -25.59
N TRP A 282 -39.02 -23.72 -24.52
CA TRP A 282 -40.26 -24.47 -24.66
C TRP A 282 -41.51 -23.61 -24.90
N PHE A 283 -41.40 -22.29 -24.91
CA PHE A 283 -42.61 -21.49 -25.08
C PHE A 283 -43.26 -21.62 -26.46
N PRO A 284 -42.48 -21.61 -27.56
CA PRO A 284 -43.11 -21.78 -28.88
C PRO A 284 -43.84 -23.09 -29.08
N TYR A 285 -43.29 -24.21 -28.61
CA TYR A 285 -43.99 -25.48 -28.77
C TYR A 285 -45.34 -25.46 -28.08
N PHE A 286 -45.38 -24.97 -26.83
CA PHE A 286 -46.64 -24.98 -26.10
C PHE A 286 -47.63 -23.98 -26.70
N THR A 287 -47.13 -22.86 -27.23
CA THR A 287 -48.04 -21.95 -27.94
C THR A 287 -48.67 -22.64 -29.13
N ALA A 288 -47.87 -23.39 -29.90
CA ALA A 288 -48.41 -24.18 -30.99
C ALA A 288 -49.41 -25.21 -30.49
N PHE A 289 -49.09 -25.87 -29.37
CA PHE A 289 -49.94 -26.92 -28.85
C PHE A 289 -51.31 -26.38 -28.46
N VAL A 290 -51.33 -25.20 -27.83
CA VAL A 290 -52.60 -24.55 -27.52
C VAL A 290 -53.33 -24.14 -28.80
N TYR A 291 -52.59 -23.63 -29.79
CA TYR A 291 -53.26 -23.12 -30.98
C TYR A 291 -53.89 -24.26 -31.78
N ARG A 292 -53.23 -25.42 -31.81
CA ARG A 292 -53.77 -26.52 -32.61
C ARG A 292 -55.09 -27.00 -32.03
N GLY A 293 -55.25 -26.94 -30.72
CA GLY A 293 -56.55 -27.19 -30.13
C GLY A 293 -57.53 -26.07 -30.46
N LEU A 294 -57.05 -24.83 -30.40
CA LEU A 294 -57.94 -23.68 -30.62
C LEU A 294 -58.46 -23.63 -32.06
N ARG A 295 -57.57 -23.78 -33.04
CA ARG A 295 -57.93 -23.56 -34.44
C ARG A 295 -57.78 -24.79 -35.31
N GLY A 296 -57.65 -25.98 -34.74
CA GLY A 296 -57.62 -27.18 -35.55
C GLY A 296 -56.25 -27.84 -35.55
N ASP A 297 -56.26 -29.17 -35.68
CA ASP A 297 -55.02 -29.93 -35.61
C ASP A 297 -54.07 -29.58 -36.76
N ASP A 298 -54.62 -29.35 -37.96
CA ASP A 298 -53.82 -29.06 -39.14
C ASP A 298 -53.75 -27.56 -39.44
N ALA A 299 -54.05 -26.72 -38.46
CA ALA A 299 -54.09 -25.28 -38.69
C ALA A 299 -52.73 -24.75 -39.10
N ILE A 300 -51.65 -25.22 -38.48
CA ILE A 300 -50.31 -24.77 -38.79
C ILE A 300 -49.65 -25.71 -39.78
N ASN A 301 -48.61 -25.20 -40.44
CA ASN A 301 -47.88 -25.97 -41.44
C ASN A 301 -47.10 -27.11 -40.77
N GLU A 302 -46.44 -27.92 -41.59
CA GLU A 302 -45.58 -28.97 -41.06
C GLU A 302 -44.21 -28.43 -40.66
N VAL A 303 -43.67 -27.47 -41.42
CA VAL A 303 -42.36 -26.93 -41.08
C VAL A 303 -42.43 -26.19 -39.74
N LEU A 304 -43.52 -25.46 -39.51
CA LEU A 304 -43.69 -24.75 -38.25
C LEU A 304 -43.96 -25.72 -37.12
N GLU A 305 -44.65 -26.83 -37.42
CA GLU A 305 -44.95 -27.83 -36.41
C GLU A 305 -43.68 -28.54 -35.95
N ALA A 306 -42.74 -28.79 -36.86
CA ALA A 306 -41.56 -29.58 -36.53
C ALA A 306 -40.32 -28.75 -36.22
N ILE A 307 -40.31 -27.45 -36.50
CA ILE A 307 -39.18 -26.63 -36.05
C ILE A 307 -39.25 -26.43 -34.54
N VAL A 308 -40.45 -26.20 -34.01
CA VAL A 308 -40.60 -25.92 -32.59
C VAL A 308 -40.21 -27.14 -31.76
N LEU A 309 -40.56 -28.34 -32.23
CA LEU A 309 -40.27 -29.52 -31.43
C LEU A 309 -38.77 -29.66 -31.21
N TRP A 310 -37.97 -29.48 -32.27
CA TRP A 310 -36.54 -29.62 -32.14
C TRP A 310 -35.94 -28.46 -31.36
N LEU A 311 -36.49 -27.25 -31.50
CA LEU A 311 -36.02 -26.16 -30.67
C LEU A 311 -36.25 -26.47 -29.19
N GLY A 312 -37.40 -27.05 -28.87
CA GLY A 312 -37.66 -27.46 -27.50
C GLY A 312 -36.69 -28.54 -27.03
N TYR A 313 -36.42 -29.52 -27.89
CA TYR A 313 -35.53 -30.62 -27.53
C TYR A 313 -34.08 -30.18 -27.36
N ALA A 314 -33.67 -29.09 -28.00
CA ALA A 314 -32.29 -28.63 -27.89
C ALA A 314 -31.92 -28.20 -26.46
N ASN A 315 -32.90 -27.81 -25.64
CA ASN A 315 -32.61 -27.34 -24.30
C ASN A 315 -31.84 -28.39 -23.50
N SER A 316 -32.12 -29.68 -23.73
CA SER A 316 -31.45 -30.71 -22.94
C SER A 316 -29.94 -30.69 -23.20
N ALA A 317 -29.55 -30.49 -24.46
CA ALA A 317 -28.14 -30.35 -24.79
C ALA A 317 -27.59 -29.05 -24.24
N LEU A 318 -28.38 -27.96 -24.31
CA LEU A 318 -27.89 -26.65 -23.90
C LEU A 318 -27.58 -26.57 -22.41
N ASN A 319 -28.35 -27.26 -21.57
CA ASN A 319 -28.22 -27.06 -20.12
C ASN A 319 -26.82 -27.33 -19.58
N PRO A 320 -26.12 -28.41 -19.94
CA PRO A 320 -24.78 -28.62 -19.36
C PRO A 320 -23.81 -27.47 -19.59
N ILE A 321 -23.86 -26.85 -20.78
CA ILE A 321 -22.99 -25.70 -21.04
C ILE A 321 -23.31 -24.57 -20.07
N LEU A 322 -24.60 -24.33 -19.83
CA LEU A 322 -24.97 -23.27 -18.91
C LEU A 322 -24.47 -23.59 -17.51
N TYR A 323 -24.59 -24.85 -17.10
CA TYR A 323 -24.18 -25.23 -15.76
C TYR A 323 -22.69 -24.97 -15.58
N ALA A 324 -21.89 -25.36 -16.56
CA ALA A 324 -20.45 -25.17 -16.44
C ALA A 324 -20.07 -23.69 -16.48
N ALA A 325 -20.61 -22.95 -17.45
CA ALA A 325 -20.20 -21.56 -17.62
C ALA A 325 -20.61 -20.68 -16.44
N LEU A 326 -21.84 -20.84 -15.95
CA LEU A 326 -22.32 -19.97 -14.88
C LEU A 326 -21.62 -20.23 -13.55
N ASN A 327 -21.33 -21.48 -13.21
CA ASN A 327 -20.83 -21.82 -11.87
C ASN A 327 -19.39 -22.32 -11.94
N ARG A 328 -18.54 -21.75 -11.08
CA ARG A 328 -17.12 -22.10 -11.06
C ARG A 328 -16.90 -23.55 -10.63
N ASP A 329 -17.67 -24.02 -9.65
CA ASP A 329 -17.45 -25.37 -9.12
C ASP A 329 -17.67 -26.43 -10.20
N PHE A 330 -18.69 -26.25 -11.04
CA PHE A 330 -18.90 -27.18 -12.13
C PHE A 330 -17.71 -27.15 -13.08
N ARG A 331 -17.20 -25.96 -13.40
CA ARG A 331 -16.07 -25.87 -14.32
C ARG A 331 -14.86 -26.59 -13.75
N THR A 332 -14.60 -26.40 -12.45
CA THR A 332 -13.45 -27.07 -11.83
C THR A 332 -13.63 -28.58 -11.86
N GLY A 333 -14.83 -29.05 -11.50
CA GLY A 333 -15.06 -30.49 -11.48
C GLY A 333 -14.91 -31.10 -12.85
N TYR A 334 -15.40 -30.41 -13.88
CA TYR A 334 -15.26 -30.89 -15.24
C TYR A 334 -13.80 -30.93 -15.66
N GLN A 335 -13.04 -29.90 -15.29
CA GLN A 335 -11.62 -29.86 -15.64
C GLN A 335 -10.87 -31.01 -14.97
N GLN A 336 -11.20 -31.29 -13.71
CA GLN A 336 -10.59 -32.44 -13.04
C GLN A 336 -10.99 -33.75 -13.72
N LEU A 337 -12.26 -33.88 -14.10
CA LEU A 337 -12.73 -35.13 -14.67
C LEU A 337 -12.04 -35.41 -16.00
N PHE A 338 -11.87 -34.39 -16.83
CA PHE A 338 -11.24 -34.56 -18.13
C PHE A 338 -10.57 -33.27 -18.58
N ARG B 2 -14.35 4.21 -10.79
CA ARG B 2 -14.97 5.20 -9.94
C ARG B 2 -13.90 5.97 -9.18
N GLN B 3 -14.15 7.26 -8.97
CA GLN B 3 -13.19 8.15 -8.33
C GLN B 3 -13.90 8.95 -7.25
N LEU B 4 -13.32 8.97 -6.05
CA LEU B 4 -13.83 9.78 -4.95
C LEU B 4 -13.08 11.10 -4.94
N VAL B 5 -13.80 12.19 -5.18
CA VAL B 5 -13.22 13.53 -5.20
C VAL B 5 -13.54 14.23 -3.88
N GLU B 6 -12.48 14.65 -3.18
CA GLU B 6 -12.58 15.32 -1.89
C GLU B 6 -12.21 16.78 -2.06
N SER B 7 -12.84 17.66 -1.27
CA SER B 7 -12.60 19.09 -1.39
C SER B 7 -12.94 19.76 -0.06
N GLY B 8 -12.89 21.09 -0.05
CA GLY B 8 -13.11 21.87 1.16
C GLY B 8 -11.95 21.89 2.13
N GLY B 9 -10.73 21.63 1.65
CA GLY B 9 -9.55 21.66 2.50
C GLY B 9 -8.80 22.98 2.38
N GLY B 10 -8.58 23.63 3.53
CA GLY B 10 -7.92 24.92 3.52
C GLY B 10 -7.38 25.28 4.90
N LEU B 11 -6.56 26.33 4.92
CA LEU B 11 -6.05 26.87 6.18
C LEU B 11 -7.15 27.66 6.88
N VAL B 12 -7.39 27.35 8.14
CA VAL B 12 -8.50 27.93 8.88
C VAL B 12 -7.99 28.47 10.21
N GLN B 13 -8.41 29.70 10.56
CA GLN B 13 -8.03 30.27 11.83
C GLN B 13 -8.77 29.54 12.94
N PRO B 14 -8.24 29.52 14.16
CA PRO B 14 -8.92 28.76 15.23
C PRO B 14 -10.33 29.30 15.45
N GLY B 15 -11.27 28.38 15.66
CA GLY B 15 -12.66 28.73 15.80
C GLY B 15 -13.44 28.75 14.49
N GLY B 16 -12.79 28.53 13.35
CA GLY B 16 -13.45 28.57 12.07
C GLY B 16 -14.26 27.33 11.77
N SER B 17 -15.00 27.39 10.67
CA SER B 17 -15.86 26.29 10.22
C SER B 17 -15.53 25.93 8.78
N LEU B 18 -15.39 24.63 8.52
CA LEU B 18 -15.21 24.11 7.17
C LEU B 18 -16.26 23.05 6.87
N ARG B 19 -16.97 23.20 5.76
CA ARG B 19 -17.88 22.19 5.26
C ARG B 19 -17.19 21.43 4.15
N LEU B 20 -16.93 20.14 4.39
CA LEU B 20 -16.29 19.26 3.42
C LEU B 20 -17.35 18.67 2.50
N SER B 21 -16.90 18.14 1.36
CA SER B 21 -17.80 17.50 0.43
C SER B 21 -17.07 16.39 -0.30
N CYS B 22 -17.71 15.23 -0.38
CA CYS B 22 -17.19 14.05 -1.06
C CYS B 22 -18.16 13.66 -2.16
N ALA B 23 -17.64 13.50 -3.37
CA ALA B 23 -18.45 13.13 -4.53
C ALA B 23 -17.95 11.82 -5.11
N ALA B 24 -18.88 10.88 -5.30
CA ALA B 24 -18.58 9.56 -5.84
C ALA B 24 -19.25 9.43 -7.20
N SER B 25 -18.48 9.00 -8.20
CA SER B 25 -19.01 8.76 -9.53
C SER B 25 -18.72 7.34 -9.98
N PHE B 29 -23.14 0.12 -8.14
CA PHE B 29 -24.58 0.07 -8.40
C PHE B 29 -25.33 0.83 -7.32
N ARG B 30 -24.97 0.60 -6.07
CA ARG B 30 -25.58 1.28 -4.94
C ARG B 30 -24.52 1.67 -3.93
N LEU B 31 -24.73 2.79 -3.25
CA LEU B 31 -23.81 3.28 -2.23
C LEU B 31 -24.50 3.04 -0.90
N TYR B 32 -23.86 2.28 -0.03
CA TYR B 32 -24.44 1.90 1.25
C TYR B 32 -23.97 2.75 2.44
N ASP B 33 -22.68 3.08 2.54
CA ASP B 33 -22.19 3.84 3.67
C ASP B 33 -21.10 4.81 3.24
N MET B 34 -20.92 5.84 4.05
CA MET B 34 -19.90 6.87 3.84
C MET B 34 -19.36 7.29 5.19
N GLY B 35 -18.04 7.31 5.34
CA GLY B 35 -17.42 7.65 6.61
C GLY B 35 -16.31 8.68 6.46
N TRP B 36 -16.01 9.32 7.58
CA TRP B 36 -14.94 10.31 7.69
C TRP B 36 -13.93 9.88 8.75
N PHE B 37 -12.65 10.02 8.42
CA PHE B 37 -11.54 9.72 9.33
C PHE B 37 -10.53 10.86 9.32
N ARG B 38 -9.78 10.97 10.41
CA ARG B 38 -8.73 11.97 10.52
C ARG B 38 -7.42 11.30 10.93
N GLN B 39 -6.34 11.61 10.22
CA GLN B 39 -5.02 11.09 10.51
C GLN B 39 -4.06 12.24 10.75
N ALA B 40 -3.48 12.32 11.95
CA ALA B 40 -2.52 13.34 12.30
C ALA B 40 -1.10 12.80 12.15
N PRO B 41 -0.09 13.68 12.24
CA PRO B 41 1.30 13.23 11.98
C PRO B 41 1.81 12.13 12.88
N GLY B 42 1.50 12.17 14.18
CA GLY B 42 1.97 11.14 15.08
C GLY B 42 0.89 10.25 15.66
N LYS B 43 -0.28 10.24 15.04
CA LYS B 43 -1.44 9.55 15.59
C LYS B 43 -2.03 8.61 14.54
N GLU B 44 -2.76 7.61 15.02
CA GLU B 44 -3.37 6.63 14.14
C GLU B 44 -4.68 7.18 13.57
N ARG B 45 -5.19 6.48 12.55
CA ARG B 45 -6.45 6.85 11.94
C ARG B 45 -7.58 6.74 12.96
N GLU B 46 -8.43 7.77 13.03
CA GLU B 46 -9.50 7.81 14.02
C GLU B 46 -10.83 8.14 13.34
N GLY B 47 -11.85 7.37 13.68
CA GLY B 47 -13.18 7.64 13.15
C GLY B 47 -13.80 8.88 13.79
N VAL B 48 -14.48 9.68 12.97
CA VAL B 48 -15.18 10.87 13.44
C VAL B 48 -16.68 10.78 13.21
N ALA B 49 -17.11 10.19 12.09
CA ALA B 49 -18.53 10.15 11.79
C ALA B 49 -18.80 9.09 10.73
N SER B 50 -20.02 8.55 10.74
CA SER B 50 -20.48 7.59 9.76
C SER B 50 -21.98 7.67 9.63
N ILE B 51 -22.48 7.56 8.40
CA ILE B 51 -23.91 7.70 8.11
C ILE B 51 -24.32 6.59 7.15
N THR B 52 -25.48 6.00 7.41
CA THR B 52 -26.03 4.95 6.56
C THR B 52 -26.93 5.54 5.48
N SER B 53 -27.36 4.67 4.56
CA SER B 53 -28.35 5.09 3.57
C SER B 53 -29.66 5.52 4.24
N GLY B 54 -30.03 4.85 5.34
CA GLY B 54 -31.19 5.28 6.09
C GLY B 54 -31.03 6.68 6.67
N GLY B 55 -29.83 7.00 7.13
CA GLY B 55 -29.55 8.27 7.77
C GLY B 55 -29.18 8.19 9.24
N SER B 56 -28.96 6.99 9.77
CA SER B 56 -28.49 6.86 11.15
C SER B 56 -27.03 7.35 11.23
N THR B 57 -26.70 7.99 12.36
CA THR B 57 -25.39 8.59 12.52
C THR B 57 -24.82 8.26 13.89
N LYS B 58 -23.50 8.09 13.94
CA LYS B 58 -22.75 7.89 15.17
C LYS B 58 -21.51 8.76 15.13
N TYR B 59 -21.08 9.22 16.30
CA TYR B 59 -19.99 10.18 16.39
C TYR B 59 -19.01 9.77 17.47
N ALA B 60 -17.75 10.16 17.28
CA ALA B 60 -16.72 9.95 18.29
C ALA B 60 -16.92 10.90 19.46
N ASP B 61 -16.32 10.55 20.60
CA ASP B 61 -16.55 11.33 21.81
C ASP B 61 -16.04 12.77 21.63
N SER B 62 -14.84 12.92 21.09
CA SER B 62 -14.30 14.26 20.90
C SER B 62 -15.10 15.05 19.87
N VAL B 63 -15.48 14.39 18.78
CA VAL B 63 -16.22 15.06 17.72
C VAL B 63 -17.60 15.50 18.19
N LYS B 64 -18.21 14.74 19.10
CA LYS B 64 -19.61 14.96 19.44
C LYS B 64 -19.86 16.40 19.88
N GLY B 65 -20.98 16.95 19.42
CA GLY B 65 -21.40 18.29 19.77
C GLY B 65 -20.81 19.38 18.90
N ARG B 66 -20.06 19.02 17.87
CA ARG B 66 -19.44 19.99 16.96
C ARG B 66 -19.50 19.59 15.50
N PHE B 67 -19.50 18.29 15.19
CA PHE B 67 -19.47 17.78 13.83
C PHE B 67 -20.84 17.17 13.51
N THR B 68 -21.32 17.40 12.29
CA THR B 68 -22.57 16.80 11.84
C THR B 68 -22.38 16.22 10.45
N ILE B 69 -23.03 15.10 10.19
CA ILE B 69 -22.93 14.40 8.91
C ILE B 69 -24.33 14.18 8.36
N SER B 70 -24.47 14.37 7.05
CA SER B 70 -25.74 14.19 6.36
C SER B 70 -25.45 13.67 4.98
N ARG B 71 -26.42 12.98 4.39
CA ARG B 71 -26.25 12.31 3.11
C ARG B 71 -27.27 12.79 2.09
N ASP B 72 -26.79 13.12 0.89
CA ASP B 72 -27.64 13.46 -0.24
C ASP B 72 -27.74 12.22 -1.14
N ASN B 73 -28.87 11.52 -1.06
CA ASN B 73 -29.03 10.28 -1.82
C ASN B 73 -29.09 10.55 -3.33
N ALA B 74 -29.74 11.64 -3.74
CA ALA B 74 -29.96 11.87 -5.16
C ALA B 74 -28.65 12.04 -5.93
N LYS B 75 -27.71 12.82 -5.39
CA LYS B 75 -26.48 13.11 -6.09
C LYS B 75 -25.28 12.32 -5.57
N ASN B 76 -25.51 11.40 -4.61
CA ASN B 76 -24.45 10.56 -4.07
C ASN B 76 -23.31 11.40 -3.49
N THR B 77 -23.67 12.49 -2.81
CA THR B 77 -22.70 13.41 -2.23
C THR B 77 -22.93 13.49 -0.73
N VAL B 78 -21.86 13.27 0.04
CA VAL B 78 -21.91 13.45 1.48
C VAL B 78 -21.04 14.64 1.85
N TYR B 79 -21.32 15.22 3.01
CA TYR B 79 -20.55 16.33 3.53
C TYR B 79 -20.43 16.22 5.04
N LEU B 80 -19.37 16.83 5.57
CA LEU B 80 -19.14 16.95 7.01
C LEU B 80 -18.92 18.42 7.34
N GLN B 81 -19.70 18.93 8.29
CA GLN B 81 -19.57 20.30 8.76
C GLN B 81 -18.85 20.29 10.11
N MET B 82 -17.65 20.89 10.13
CA MET B 82 -16.86 21.00 11.35
C MET B 82 -17.01 22.40 11.91
N ASN B 83 -17.34 22.48 13.20
CA ASN B 83 -17.48 23.75 13.89
C ASN B 83 -16.60 23.72 15.13
N SER B 84 -16.32 24.91 15.67
CA SER B 84 -15.46 25.03 16.85
C SER B 84 -14.10 24.40 16.59
N LEU B 85 -13.55 24.64 15.40
CA LEU B 85 -12.27 24.06 15.02
C LEU B 85 -11.16 24.54 15.94
N GLU B 86 -10.33 23.61 16.39
CA GLU B 86 -9.24 23.85 17.33
C GLU B 86 -7.98 23.16 16.81
N PRO B 87 -6.81 23.53 17.32
CA PRO B 87 -5.57 22.97 16.78
C PRO B 87 -5.49 21.46 16.89
N GLU B 88 -6.19 20.84 17.83
CA GLU B 88 -6.22 19.39 17.92
C GLU B 88 -6.87 18.76 16.69
N ASP B 89 -7.67 19.52 15.95
CA ASP B 89 -8.37 19.02 14.78
C ASP B 89 -7.54 19.09 13.50
N THR B 90 -6.27 19.47 13.60
CA THR B 90 -5.40 19.49 12.43
C THR B 90 -5.12 18.06 11.99
N ALA B 91 -5.50 17.74 10.75
CA ALA B 91 -5.34 16.39 10.21
C ALA B 91 -5.70 16.42 8.74
N VAL B 92 -5.50 15.30 8.07
CA VAL B 92 -5.96 15.07 6.70
C VAL B 92 -7.23 14.25 6.79
N TYR B 93 -8.39 14.89 6.61
CA TYR B 93 -9.68 14.22 6.71
C TYR B 93 -9.96 13.41 5.45
N TYR B 94 -10.05 12.08 5.59
CA TYR B 94 -10.23 11.16 4.48
C TYR B 94 -11.68 10.70 4.35
N CYS B 95 -12.16 10.64 3.10
CA CYS B 95 -13.49 10.17 2.78
C CYS B 95 -13.47 8.67 2.45
N ASN B 96 -14.59 8.02 2.71
CA ASN B 96 -14.69 6.56 2.60
C ASN B 96 -16.10 6.21 2.16
N ALA B 97 -16.22 5.32 1.18
CA ALA B 97 -17.52 4.94 0.64
C ALA B 97 -17.60 3.43 0.42
N GLU B 98 -18.76 2.85 0.74
CA GLU B 98 -19.04 1.44 0.52
C GLU B 98 -20.09 1.29 -0.58
N TYR B 99 -19.83 0.40 -1.53
CA TYR B 99 -20.68 0.30 -2.71
C TYR B 99 -20.68 -1.11 -3.26
N ARG B 100 -21.69 -1.40 -4.07
CA ARG B 100 -21.83 -2.66 -4.79
C ARG B 100 -21.81 -2.36 -6.28
N THR B 101 -20.94 -3.04 -7.03
CA THR B 101 -20.86 -2.82 -8.46
C THR B 101 -22.11 -3.32 -9.18
N GLY B 102 -22.64 -4.47 -8.76
CA GLY B 102 -23.79 -5.06 -9.42
C GLY B 102 -24.67 -5.79 -8.42
N ILE B 103 -25.85 -6.18 -8.90
CA ILE B 103 -26.82 -6.83 -8.03
C ILE B 103 -26.26 -8.13 -7.47
N TRP B 104 -25.57 -8.92 -8.29
CA TRP B 104 -25.00 -10.19 -7.86
C TRP B 104 -23.59 -10.06 -7.32
N GLU B 105 -23.00 -8.87 -7.40
CA GLU B 105 -21.62 -8.64 -7.00
C GLU B 105 -21.50 -8.51 -5.48
N GLU B 106 -20.27 -8.69 -5.00
CA GLU B 106 -19.96 -8.53 -3.59
C GLU B 106 -19.78 -7.06 -3.22
N LEU B 107 -19.99 -6.76 -1.94
CA LEU B 107 -19.83 -5.41 -1.42
C LEU B 107 -18.35 -5.04 -1.35
N LEU B 108 -18.04 -3.79 -1.72
CA LEU B 108 -16.67 -3.29 -1.80
C LEU B 108 -16.56 -1.93 -1.12
N ASP B 109 -15.31 -1.55 -0.85
CA ASP B 109 -14.98 -0.33 -0.12
C ASP B 109 -14.10 0.58 -0.98
N GLY B 110 -14.21 1.88 -0.72
CA GLY B 110 -13.46 2.87 -1.48
C GLY B 110 -12.83 3.90 -0.58
N TRP B 111 -11.61 4.33 -0.94
CA TRP B 111 -10.83 5.26 -0.15
C TRP B 111 -10.52 6.51 -0.96
N GLY B 112 -10.70 7.69 -0.33
CA GLY B 112 -10.36 8.94 -0.96
C GLY B 112 -8.89 9.30 -0.82
N LYS B 113 -8.49 10.34 -1.57
CA LYS B 113 -7.11 10.79 -1.54
C LYS B 113 -6.76 11.69 -0.37
N GLY B 114 -7.74 12.20 0.37
CA GLY B 114 -7.45 13.01 1.54
C GLY B 114 -7.50 14.50 1.26
N THR B 115 -8.21 15.26 2.10
CA THR B 115 -8.20 16.72 2.03
C THR B 115 -7.49 17.30 3.26
N PRO B 116 -6.35 17.96 3.10
CA PRO B 116 -5.61 18.43 4.28
C PRO B 116 -6.15 19.73 4.86
N VAL B 117 -6.25 19.75 6.19
CA VAL B 117 -6.85 20.86 6.93
C VAL B 117 -5.87 21.29 8.02
N THR B 118 -5.58 22.58 8.10
CA THR B 118 -4.72 23.14 9.15
C THR B 118 -5.47 24.23 9.88
N VAL B 119 -5.71 24.06 11.17
CA VAL B 119 -6.42 25.05 11.96
C VAL B 119 -5.41 26.07 12.46
N SER B 120 -4.93 26.93 11.56
CA SER B 120 -4.04 28.02 11.92
C SER B 120 -4.26 29.18 10.95
N SER B 121 -4.00 30.40 11.44
CA SER B 121 -4.09 31.58 10.61
C SER B 121 -3.47 32.78 11.31
N VAL C 5 5.86 2.47 16.72
CA VAL C 5 6.35 2.46 15.35
C VAL C 5 7.87 2.40 15.38
N GLN C 6 8.45 1.42 14.70
CA GLN C 6 9.89 1.20 14.70
C GLN C 6 10.39 1.14 13.27
N LEU C 7 11.46 1.89 12.98
CA LEU C 7 12.11 1.88 11.69
C LEU C 7 13.56 1.43 11.86
N VAL C 8 14.00 0.50 11.00
CA VAL C 8 15.35 -0.04 11.05
C VAL C 8 15.92 -0.07 9.65
N GLU C 9 17.25 0.08 9.56
CA GLU C 9 17.95 0.10 8.28
C GLU C 9 19.06 -0.93 8.31
N SER C 10 19.38 -1.49 7.14
CA SER C 10 20.45 -2.46 7.02
C SER C 10 20.99 -2.43 5.58
N GLY C 11 22.19 -2.99 5.43
CA GLY C 11 22.86 -3.03 4.15
C GLY C 11 23.95 -2.00 3.94
N GLY C 12 24.32 -1.26 4.98
CA GLY C 12 25.40 -0.30 4.92
C GLY C 12 26.76 -0.90 5.24
N GLY C 13 27.71 -0.80 4.32
CA GLY C 13 29.01 -1.42 4.53
C GLY C 13 30.05 -0.85 3.59
N LEU C 14 31.28 -1.33 3.78
CA LEU C 14 32.41 -0.87 2.97
C LEU C 14 32.20 -1.24 1.50
N VAL C 15 32.43 -0.26 0.62
CA VAL C 15 32.27 -0.43 -0.82
C VAL C 15 33.45 0.26 -1.50
N GLN C 16 33.57 0.05 -2.81
CA GLN C 16 34.65 0.56 -3.63
C GLN C 16 34.07 1.38 -4.78
N PRO C 17 34.85 2.28 -5.38
CA PRO C 17 34.29 3.13 -6.43
C PRO C 17 33.72 2.29 -7.57
N GLY C 18 32.57 2.71 -8.09
CA GLY C 18 31.86 1.98 -9.11
C GLY C 18 31.05 0.82 -8.59
N GLY C 19 30.99 0.64 -7.27
CA GLY C 19 30.27 -0.47 -6.68
C GLY C 19 28.78 -0.24 -6.61
N SER C 20 28.07 -1.30 -6.20
CA SER C 20 26.63 -1.23 -6.00
C SER C 20 26.28 -1.83 -4.64
N LEU C 21 25.35 -1.17 -3.94
CA LEU C 21 24.83 -1.67 -2.68
C LEU C 21 23.34 -1.36 -2.60
N ARG C 22 22.61 -2.26 -1.95
CA ARG C 22 21.17 -2.13 -1.79
C ARG C 22 20.80 -2.13 -0.31
N LEU C 23 20.00 -1.14 0.09
CA LEU C 23 19.62 -0.92 1.48
C LEU C 23 18.13 -1.20 1.65
N SER C 24 17.78 -1.90 2.72
CA SER C 24 16.40 -2.25 3.01
C SER C 24 15.96 -1.62 4.33
N CYS C 25 14.67 -1.33 4.43
CA CYS C 25 14.08 -0.68 5.60
C CYS C 25 13.04 -1.61 6.21
N ALA C 26 13.06 -1.73 7.53
CA ALA C 26 12.10 -2.53 8.26
C ALA C 26 10.98 -1.64 8.79
N ALA C 27 9.75 -2.03 8.51
CA ALA C 27 8.56 -1.30 8.94
C ALA C 27 7.75 -2.18 9.89
N SER C 28 7.40 -1.64 11.05
CA SER C 28 6.70 -2.42 12.07
C SER C 28 5.75 -1.52 12.85
N GLY C 29 4.54 -2.03 13.10
CA GLY C 29 3.56 -1.37 13.93
C GLY C 29 2.54 -0.52 13.20
N PHE C 30 2.58 -0.46 11.88
CA PHE C 30 1.70 0.43 11.13
C PHE C 30 1.35 -0.20 9.80
N ASN C 31 0.26 0.29 9.19
CA ASN C 31 -0.19 -0.20 7.90
C ASN C 31 0.64 0.42 6.78
N PHE C 32 1.38 -0.43 6.07
CA PHE C 32 2.32 0.04 5.05
C PHE C 32 1.61 0.76 3.91
N SER C 33 0.34 0.41 3.65
CA SER C 33 -0.34 0.92 2.46
C SER C 33 -0.49 2.44 2.49
N TYR C 34 -0.73 3.01 3.67
CA TYR C 34 -1.10 4.42 3.79
C TYR C 34 0.10 5.36 3.93
N TYR C 35 1.32 4.87 3.75
CA TYR C 35 2.51 5.66 4.04
C TYR C 35 3.50 5.63 2.89
N SER C 36 4.36 6.65 2.88
CA SER C 36 5.50 6.75 1.99
C SER C 36 6.77 6.64 2.83
N ILE C 37 7.81 6.02 2.26
CA ILE C 37 9.08 5.84 2.94
C ILE C 37 10.14 6.67 2.23
N HIS C 38 10.87 7.48 3.00
CA HIS C 38 11.87 8.39 2.49
C HIS C 38 13.27 7.96 2.93
N TRP C 39 14.25 8.26 2.08
CA TRP C 39 15.65 8.02 2.40
C TRP C 39 16.38 9.36 2.43
N VAL C 40 17.04 9.64 3.56
CA VAL C 40 17.71 10.91 3.79
C VAL C 40 19.17 10.63 4.11
N ARG C 41 20.07 11.38 3.47
CA ARG C 41 21.50 11.18 3.60
C ARG C 41 22.14 12.39 4.26
N GLN C 42 22.94 12.16 5.31
CA GLN C 42 23.76 13.20 5.91
C GLN C 42 25.24 12.84 5.74
N ALA C 43 25.95 13.59 4.90
CA ALA C 43 27.36 13.34 4.70
C ALA C 43 28.14 13.72 5.96
N PRO C 44 29.24 13.04 6.25
CA PRO C 44 29.96 13.33 7.50
C PRO C 44 30.43 14.78 7.52
N GLY C 45 30.11 15.47 8.62
CA GLY C 45 30.45 16.87 8.73
C GLY C 45 29.71 17.76 7.76
N LYS C 46 28.47 17.43 7.43
CA LYS C 46 27.70 18.21 6.46
C LYS C 46 26.22 18.13 6.83
N GLY C 47 25.42 18.95 6.13
CA GLY C 47 24.01 19.05 6.39
C GLY C 47 23.18 17.91 5.83
N LEU C 48 21.91 17.92 6.22
CA LEU C 48 20.96 16.90 5.80
C LEU C 48 20.66 17.03 4.31
N GLU C 49 20.58 15.90 3.61
CA GLU C 49 20.23 15.88 2.19
C GLU C 49 19.21 14.79 1.89
N TRP C 50 18.27 15.11 1.02
CA TRP C 50 17.16 14.23 0.66
C TRP C 50 17.46 13.55 -0.67
N VAL C 51 17.25 12.23 -0.71
CA VAL C 51 17.56 11.45 -1.91
C VAL C 51 16.30 11.10 -2.70
N ALA C 52 15.34 10.45 -2.05
CA ALA C 52 14.17 9.94 -2.76
C ALA C 52 13.12 9.49 -1.75
N TYR C 53 11.92 9.22 -2.26
CA TYR C 53 10.84 8.64 -1.47
C TYR C 53 10.19 7.49 -2.22
N ILE C 54 9.62 6.56 -1.47
CA ILE C 54 8.90 5.44 -2.05
C ILE C 54 7.56 5.26 -1.33
N TYR C 60 4.56 6.21 -7.95
CA TYR C 60 4.90 7.34 -7.08
C TYR C 60 6.36 7.24 -6.63
N THR C 61 7.28 7.63 -7.50
CA THR C 61 8.70 7.64 -7.19
C THR C 61 9.35 8.86 -7.82
N SER C 62 10.33 9.42 -7.11
CA SER C 62 11.09 10.56 -7.60
C SER C 62 12.51 10.46 -7.06
N TYR C 63 13.44 11.13 -7.74
CA TYR C 63 14.84 11.09 -7.36
C TYR C 63 15.43 12.49 -7.47
N ALA C 64 16.48 12.73 -6.70
CA ALA C 64 17.19 14.00 -6.76
C ALA C 64 17.91 14.11 -8.10
N ASP C 65 18.10 15.36 -8.54
CA ASP C 65 18.70 15.58 -9.85
C ASP C 65 20.11 15.02 -9.91
N VAL C 67 21.43 12.47 -8.23
CA VAL C 67 21.49 11.02 -8.18
C VAL C 67 20.56 10.40 -9.21
N LYS C 68 19.94 11.23 -10.05
CA LYS C 68 18.99 10.73 -11.03
C LYS C 68 19.66 9.77 -12.01
N GLY C 69 18.95 8.71 -12.37
CA GLY C 69 19.50 7.67 -13.25
C GLY C 69 20.36 6.61 -12.58
N ARG C 70 21.37 7.03 -11.82
CA ARG C 70 22.22 6.06 -11.13
C ARG C 70 21.44 5.26 -10.09
N PHE C 71 20.45 5.87 -9.44
CA PHE C 71 19.76 5.27 -8.32
C PHE C 71 18.41 4.67 -8.74
N THR C 72 18.02 3.62 -8.04
CA THR C 72 16.72 2.97 -8.22
C THR C 72 16.09 2.77 -6.84
N ILE C 73 14.77 2.93 -6.77
CA ILE C 73 14.03 2.68 -5.53
C ILE C 73 12.90 1.72 -5.82
N SER C 74 12.60 0.88 -4.82
CA SER C 74 11.53 -0.11 -4.93
C SER C 74 11.02 -0.43 -3.53
N ALA C 75 9.81 -0.99 -3.47
CA ALA C 75 9.23 -1.41 -2.20
C ALA C 75 8.51 -2.74 -2.38
N ASP C 76 8.54 -3.54 -1.32
CA ASP C 76 7.82 -4.82 -1.24
C ASP C 76 6.73 -4.69 -0.20
N ASN C 80 6.71 -5.35 3.94
CA ASN C 80 6.75 -4.00 4.50
C ASN C 80 8.16 -3.42 4.50
N THR C 81 8.87 -3.62 3.37
CA THR C 81 10.27 -3.22 3.25
C THR C 81 10.47 -2.42 1.96
N ALA C 82 11.15 -1.29 2.07
CA ALA C 82 11.49 -0.44 0.94
C ALA C 82 12.98 -0.56 0.65
N TYR C 83 13.32 -0.73 -0.63
CA TYR C 83 14.70 -0.97 -1.06
C TYR C 83 15.19 0.15 -1.96
N LEU C 84 16.40 0.63 -1.70
CA LEU C 84 17.07 1.61 -2.54
C LEU C 84 18.33 0.97 -3.12
N GLN C 85 18.46 1.01 -4.45
CA GLN C 85 19.58 0.41 -5.16
C GLN C 85 20.45 1.50 -5.76
N MET C 86 21.75 1.43 -5.52
CA MET C 86 22.70 2.44 -5.99
C MET C 86 23.70 1.79 -6.93
N ASN C 87 23.97 2.45 -8.06
CA ASN C 87 24.89 1.94 -9.06
C ASN C 87 25.89 3.01 -9.43
N SER C 88 27.04 2.58 -9.95
CA SER C 88 28.13 3.47 -10.33
C SER C 88 28.52 4.40 -9.17
N LEU C 89 28.67 3.78 -7.99
CA LEU C 89 28.96 4.53 -6.77
C LEU C 89 30.28 5.29 -6.88
N ARG C 90 30.33 6.46 -6.23
CA ARG C 90 31.46 7.35 -6.26
C ARG C 90 31.88 7.68 -4.83
N ALA C 91 33.03 8.38 -4.71
CA ALA C 91 33.55 8.73 -3.40
C ALA C 91 32.61 9.64 -2.62
N GLU C 92 31.96 10.59 -3.32
CA GLU C 92 31.08 11.53 -2.64
C GLU C 92 29.90 10.85 -1.96
N ASP C 93 29.54 9.65 -2.40
CA ASP C 93 28.38 8.95 -1.86
C ASP C 93 28.51 8.57 -0.38
N THR C 94 29.73 8.51 0.16
CA THR C 94 29.86 8.09 1.56
C THR C 94 29.10 9.03 2.48
N ALA C 95 28.34 8.46 3.40
CA ALA C 95 27.48 9.22 4.29
C ALA C 95 26.74 8.31 5.26
N VAL C 96 25.90 8.89 6.11
CA VAL C 96 24.98 8.14 6.95
C VAL C 96 23.59 8.29 6.36
N TYR C 97 22.91 7.16 6.17
CA TYR C 97 21.63 7.12 5.48
C TYR C 97 20.52 6.88 6.49
N TYR C 98 19.38 7.54 6.28
CA TYR C 98 18.25 7.49 7.20
C TYR C 98 16.99 7.09 6.44
N CYS C 99 16.12 6.37 7.14
CA CYS C 99 14.83 5.95 6.60
C CYS C 99 13.73 6.61 7.43
N ALA C 100 12.77 7.25 6.76
CA ALA C 100 11.72 8.01 7.41
C ALA C 100 10.37 7.71 6.79
N ARG C 101 9.31 7.98 7.57
CA ARG C 101 7.93 7.65 7.20
C ARG C 101 7.10 8.92 7.03
N GLY C 102 6.25 8.93 6.01
CA GLY C 102 5.40 10.07 5.72
C GLY C 102 4.06 9.64 5.14
N TYR C 103 3.25 10.63 4.77
CA TYR C 103 1.97 10.37 4.13
C TYR C 103 2.15 9.79 2.73
N GLN C 104 1.18 8.97 2.32
CA GLN C 104 1.28 8.28 1.04
C GLN C 104 1.30 9.25 -0.13
N TYR C 105 0.35 10.18 -0.18
CA TYR C 105 0.29 11.15 -1.28
C TYR C 105 0.84 12.50 -0.86
N TRP C 106 2.06 12.54 -0.31
CA TRP C 106 2.56 13.81 0.21
C TRP C 106 2.62 14.85 -0.89
N GLN C 107 2.96 14.43 -2.12
CA GLN C 107 3.07 15.38 -3.22
C GLN C 107 1.72 16.00 -3.56
N TYR C 108 0.67 15.18 -3.57
CA TYR C 108 -0.68 15.69 -3.82
C TYR C 108 -1.14 16.56 -2.65
N HIS C 109 -0.93 16.07 -1.42
CA HIS C 109 -1.34 16.81 -0.23
C HIS C 109 -0.55 18.10 -0.08
N ALA C 110 0.75 18.05 -0.36
CA ALA C 110 1.61 19.19 -0.10
C ALA C 110 1.15 20.44 -0.85
N SER C 111 1.10 21.56 -0.13
CA SER C 111 0.56 22.80 -0.65
C SER C 111 1.20 23.96 0.11
N TRP C 112 0.79 25.18 -0.24
CA TRP C 112 1.32 26.34 0.48
C TRP C 112 1.00 26.29 1.96
N TYR C 113 -0.15 25.73 2.34
CA TYR C 113 -0.53 25.63 3.74
C TYR C 113 -0.24 24.28 4.39
N TRP C 114 0.16 23.26 3.63
CA TRP C 114 0.36 21.92 4.18
C TRP C 114 1.73 21.36 3.87
N ASN C 115 2.36 20.78 4.90
CA ASN C 115 3.59 20.02 4.77
C ASN C 115 3.62 19.08 5.96
N GLY C 116 3.36 17.79 5.71
CA GLY C 116 3.22 16.85 6.83
C GLY C 116 4.51 16.60 7.59
N GLY C 117 5.62 16.45 6.88
CA GLY C 117 6.89 16.14 7.50
C GLY C 117 7.06 14.66 7.76
N LEU C 118 8.26 14.29 8.22
CA LEU C 118 8.62 12.92 8.54
C LEU C 118 8.63 12.77 10.06
N ASP C 119 7.56 12.19 10.59
CA ASP C 119 7.38 12.11 12.05
C ASP C 119 8.38 11.18 12.72
N TYR C 120 8.63 10.00 12.14
CA TYR C 120 9.44 8.97 12.77
C TYR C 120 10.74 8.73 12.02
N TRP C 121 11.83 8.61 12.78
CA TRP C 121 13.17 8.44 12.25
C TRP C 121 13.81 7.24 12.91
N GLY C 122 14.83 6.68 12.25
CA GLY C 122 15.54 5.54 12.78
C GLY C 122 16.80 5.93 13.54
N GLN C 123 17.90 5.22 13.29
CA GLN C 123 19.19 5.56 13.86
C GLN C 123 20.28 5.83 12.82
N GLY C 124 20.09 5.44 11.58
CA GLY C 124 21.07 5.67 10.54
C GLY C 124 22.04 4.52 10.37
N THR C 125 22.55 4.37 9.15
CA THR C 125 23.56 3.36 8.84
C THR C 125 24.67 3.98 8.00
N LEU C 126 25.91 3.63 8.35
CA LEU C 126 27.10 4.19 7.69
C LEU C 126 27.43 3.42 6.43
N VAL C 127 27.44 4.11 5.29
CA VAL C 127 27.90 3.55 4.02
C VAL C 127 29.23 4.22 3.68
N THR C 128 30.32 3.45 3.80
CA THR C 128 31.66 3.97 3.56
C THR C 128 32.17 3.42 2.23
N VAL C 129 32.38 4.30 1.26
CA VAL C 129 32.96 3.94 -0.03
C VAL C 129 34.43 4.37 0.00
N SER C 130 35.32 3.41 0.24
CA SER C 130 36.75 3.68 0.21
C SER C 130 37.47 2.54 -0.49
N SER C 131 38.36 2.89 -1.42
CA SER C 131 39.23 1.92 -2.10
C SER C 131 40.54 1.77 -1.31
N ALA C 132 40.43 1.16 -0.14
CA ALA C 132 41.58 1.04 0.75
C ALA C 132 41.41 -0.18 1.64
N SER C 133 42.53 -0.61 2.23
CA SER C 133 42.58 -1.74 3.14
C SER C 133 43.34 -1.33 4.40
N THR C 134 43.22 -2.17 5.43
CA THR C 134 43.80 -1.84 6.73
C THR C 134 45.29 -1.52 6.60
N LYS C 135 45.70 -0.41 7.20
CA LYS C 135 47.09 0.00 7.27
C LYS C 135 47.43 0.38 8.71
N GLY C 136 48.69 0.16 9.08
CA GLY C 136 49.12 0.34 10.44
C GLY C 136 49.21 1.81 10.87
N PRO C 137 48.55 2.17 11.96
CA PRO C 137 48.73 3.52 12.52
C PRO C 137 50.13 3.72 13.07
N SER C 138 50.70 4.89 12.79
CA SER C 138 52.00 5.28 13.30
C SER C 138 51.80 6.38 14.35
N VAL C 139 52.32 6.16 15.55
CA VAL C 139 52.16 7.06 16.68
C VAL C 139 53.50 7.70 17.01
N PHE C 140 53.52 9.02 17.16
CA PHE C 140 54.75 9.76 17.36
C PHE C 140 54.61 10.72 18.53
N PRO C 141 55.68 10.93 19.30
CA PRO C 141 55.62 11.83 20.47
C PRO C 141 55.79 13.29 20.06
N LEU C 142 54.86 14.14 20.49
CA LEU C 142 55.00 15.58 20.29
C LEU C 142 55.77 16.13 21.49
N ALA C 143 57.10 16.18 21.34
CA ALA C 143 57.95 16.57 22.45
C ALA C 143 57.68 18.02 22.85
N PRO C 144 57.58 18.31 24.16
CA PRO C 144 57.38 19.70 24.58
C PRO C 144 58.61 20.56 24.32
N SER C 145 58.55 21.42 23.31
CA SER C 145 59.67 22.27 22.96
C SER C 145 59.85 23.40 23.96
N THR C 153 52.80 26.19 32.12
CA THR C 153 52.42 24.88 31.63
C THR C 153 52.98 24.69 30.23
N ALA C 154 53.60 23.54 29.98
CA ALA C 154 54.12 23.19 28.68
C ALA C 154 53.33 22.00 28.15
N ALA C 155 52.69 22.18 27.00
CA ALA C 155 51.84 21.16 26.42
C ALA C 155 52.68 20.05 25.78
N LEU C 156 52.15 18.83 25.83
CA LEU C 156 52.74 17.71 25.13
C LEU C 156 51.62 16.81 24.64
N GLY C 157 51.92 15.99 23.64
CA GLY C 157 50.90 15.13 23.07
C GLY C 157 51.50 14.02 22.24
N CYS C 158 50.62 13.18 21.70
CA CYS C 158 51.00 12.14 20.77
C CYS C 158 50.22 12.33 19.48
N LEU C 159 50.84 11.99 18.35
CA LEU C 159 50.22 12.09 17.05
C LEU C 159 49.95 10.70 16.48
N VAL C 160 48.84 10.54 15.77
CA VAL C 160 48.48 9.29 15.13
C VAL C 160 48.28 9.60 13.65
N LYS C 161 49.00 8.89 12.78
CA LYS C 161 49.01 9.25 11.37
C LYS C 161 48.91 8.01 10.48
N ASP C 162 48.30 8.22 9.30
CA ASP C 162 48.21 7.22 8.24
C ASP C 162 47.39 5.99 8.62
N TYR C 163 46.59 6.05 9.68
CA TYR C 163 45.84 4.85 10.08
C TYR C 163 44.76 4.54 9.06
N VAL C 168 40.13 4.75 15.45
CA VAL C 168 41.28 4.76 16.35
C VAL C 168 40.81 5.06 17.77
N THR C 169 41.49 4.44 18.74
CA THR C 169 41.24 4.68 20.15
C THR C 169 42.54 5.09 20.81
N VAL C 170 42.53 6.21 21.52
CA VAL C 170 43.71 6.75 22.17
C VAL C 170 43.39 6.95 23.65
N SER C 171 44.30 6.51 24.52
CA SER C 171 44.14 6.62 25.95
C SER C 171 45.42 7.16 26.57
N TRP C 172 45.28 7.78 27.73
CA TRP C 172 46.42 8.35 28.44
C TRP C 172 46.80 7.47 29.63
N VAL C 181 43.37 17.01 28.91
CA VAL C 181 43.58 16.07 27.82
C VAL C 181 42.60 16.37 26.70
N HIS C 182 43.12 16.70 25.51
CA HIS C 182 42.29 17.03 24.36
C HIS C 182 42.62 16.10 23.20
N THR C 183 41.59 15.44 22.67
CA THR C 183 41.73 14.57 21.50
C THR C 183 40.97 15.24 20.37
N PHE C 184 41.63 15.45 19.24
CA PHE C 184 40.95 16.14 18.16
C PHE C 184 40.19 15.18 17.27
N PRO C 185 39.17 15.66 16.55
CA PRO C 185 38.44 14.80 15.63
C PRO C 185 39.36 14.31 14.51
N ALA C 186 39.15 13.07 14.09
CA ALA C 186 39.99 12.50 13.05
C ALA C 186 39.80 13.23 11.73
N VAL C 187 40.86 13.29 10.95
CA VAL C 187 40.87 13.95 9.65
C VAL C 187 41.18 12.91 8.58
N LEU C 188 40.66 13.15 7.38
CA LEU C 188 40.88 12.26 6.25
C LEU C 188 41.88 12.93 5.31
N GLN C 189 43.01 12.26 5.07
CA GLN C 189 44.06 12.79 4.23
C GLN C 189 43.77 12.54 2.76
N SER C 190 44.62 13.09 1.90
CA SER C 190 44.50 12.91 0.47
C SER C 190 44.63 11.44 0.09
N SER C 195 43.94 10.69 10.32
CA SER C 195 44.94 11.17 11.27
C SER C 195 44.29 12.00 12.37
N LEU C 196 44.73 11.79 13.60
CA LEU C 196 44.26 12.56 14.75
C LEU C 196 45.42 12.79 15.71
N SER C 197 45.37 13.92 16.40
CA SER C 197 46.41 14.31 17.35
C SER C 197 45.79 14.43 18.73
N SER C 198 46.49 13.89 19.74
CA SER C 198 46.05 13.97 21.12
C SER C 198 47.09 14.73 21.92
N VAL C 199 46.67 15.84 22.53
CA VAL C 199 47.56 16.74 23.26
C VAL C 199 47.09 16.85 24.70
N VAL C 200 48.01 16.75 25.64
CA VAL C 200 47.75 16.95 27.06
C VAL C 200 48.61 18.11 27.54
N THR C 201 47.96 19.11 28.13
CA THR C 201 48.64 20.26 28.71
C THR C 201 48.78 20.08 30.21
N TYR C 212 53.91 10.39 31.59
CA TYR C 212 52.68 10.25 30.82
C TYR C 212 52.90 9.29 29.66
N ILE C 213 52.01 8.31 29.54
CA ILE C 213 52.07 7.27 28.53
C ILE C 213 50.81 7.39 27.68
N CYS C 214 50.98 7.49 26.37
CA CYS C 214 49.88 7.50 25.43
C CYS C 214 49.83 6.13 24.76
N ASN C 215 48.69 5.45 24.93
CA ASN C 215 48.45 4.13 24.38
C ASN C 215 47.41 4.22 23.27
N VAL C 216 47.80 3.83 22.07
CA VAL C 216 46.97 3.97 20.88
C VAL C 216 46.60 2.56 20.44
N ASN C 217 45.30 2.30 20.35
CA ASN C 217 44.78 0.98 19.99
C ASN C 217 43.89 1.13 18.76
N HIS C 218 44.24 0.42 17.70
CA HIS C 218 43.42 0.34 16.49
C HIS C 218 42.75 -1.03 16.51
N LYS C 219 41.44 -1.05 16.74
CA LYS C 219 40.74 -2.33 16.87
C LYS C 219 40.76 -3.15 15.58
N PRO C 220 40.51 -2.59 14.40
CA PRO C 220 40.51 -3.42 13.20
C PRO C 220 41.83 -4.14 12.95
N SER C 221 42.96 -3.47 13.12
CA SER C 221 44.25 -4.07 12.85
C SER C 221 44.91 -4.68 14.08
N ASN C 222 44.30 -4.52 15.26
CA ASN C 222 44.89 -5.02 16.50
C ASN C 222 46.30 -4.48 16.71
N THR C 223 46.49 -3.20 16.40
CA THR C 223 47.77 -2.53 16.56
C THR C 223 47.78 -1.76 17.86
N LYS C 224 48.76 -2.04 18.72
CA LYS C 224 48.89 -1.40 20.01
C LYS C 224 50.27 -0.77 20.11
N VAL C 225 50.32 0.51 20.47
CA VAL C 225 51.56 1.23 20.69
C VAL C 225 51.52 1.86 22.07
N LYS C 228 55.99 6.49 26.00
CA LYS C 228 56.17 7.47 27.08
C LYS C 228 56.65 8.77 26.47
N VAL C 229 55.98 9.87 26.82
CA VAL C 229 56.24 11.19 26.24
C VAL C 229 56.95 12.04 27.29
N GLU C 230 58.17 12.46 26.98
CA GLU C 230 58.95 13.30 27.88
C GLU C 230 59.84 14.19 27.03
N PRO C 231 60.29 15.34 27.57
CA PRO C 231 61.20 16.24 26.86
C PRO C 231 62.36 15.51 26.19
N THR D 6 17.59 28.74 1.97
CA THR D 6 18.78 29.42 2.47
C THR D 6 18.47 29.97 3.85
N GLN D 7 19.34 29.75 4.83
CA GLN D 7 19.11 30.25 6.17
C GLN D 7 20.09 31.40 6.43
N SER D 10 24.21 31.35 10.10
CA SER D 10 24.92 30.08 10.03
C SER D 10 25.26 29.59 11.43
N SER D 11 25.69 30.50 12.28
CA SER D 11 26.00 30.18 13.67
C SER D 11 25.41 31.24 14.59
N LEU D 12 24.87 30.81 15.72
CA LEU D 12 24.27 31.70 16.70
C LEU D 12 24.82 31.40 18.08
N SER D 13 25.25 32.44 18.79
CA SER D 13 25.74 32.33 20.16
C SER D 13 24.72 32.95 21.11
N ALA D 14 24.21 32.16 22.04
CA ALA D 14 23.20 32.65 22.97
C ALA D 14 23.32 31.91 24.29
N SER D 15 23.09 32.64 25.38
CA SER D 15 23.09 32.07 26.73
C SER D 15 21.72 31.50 27.06
N VAL D 16 21.68 30.68 28.12
CA VAL D 16 20.42 30.12 28.57
C VAL D 16 19.49 31.24 29.01
N GLY D 17 18.23 31.15 28.61
CA GLY D 17 17.24 32.16 28.93
C GLY D 17 17.12 33.29 27.95
N ASP D 18 17.85 33.24 26.84
CA ASP D 18 17.80 34.27 25.80
C ASP D 18 16.92 33.81 24.65
N ARG D 19 15.96 34.64 24.26
CA ARG D 19 15.12 34.32 23.11
C ARG D 19 15.98 34.33 21.85
N THR D 21 15.91 33.35 17.81
CA THR D 21 15.01 33.27 16.68
C THR D 21 15.66 32.91 15.36
N ILE D 22 15.51 31.71 14.74
CA ILE D 22 16.24 31.27 13.49
C ILE D 22 15.36 31.68 12.28
N THR D 23 15.87 31.77 11.06
CA THR D 23 15.17 32.22 9.86
C THR D 23 15.62 31.40 8.69
N CYS D 24 14.70 30.91 7.85
CA CYS D 24 15.04 30.07 6.70
C CYS D 24 14.31 30.67 5.49
N ARG D 25 14.88 31.74 4.95
CA ARG D 25 14.24 32.44 3.85
C ARG D 25 14.08 31.51 2.65
N ALA D 26 12.90 31.55 2.04
CA ALA D 26 12.58 30.67 0.92
C ALA D 26 13.42 31.05 -0.31
N SER D 31 6.00 28.06 -2.55
CA SER D 31 5.86 28.57 -1.19
C SER D 31 5.33 27.49 -0.26
N SER D 32 5.70 26.25 -0.53
CA SER D 32 5.30 25.13 0.32
C SER D 32 5.74 25.38 1.76
N ALA D 33 4.84 25.09 2.69
CA ALA D 33 5.13 25.33 4.11
C ALA D 33 6.32 24.49 4.56
N VAL D 34 7.23 25.13 5.29
CA VAL D 34 8.43 24.44 5.76
C VAL D 34 8.13 23.64 7.02
N ALA D 35 8.97 22.64 7.28
CA ALA D 35 8.98 21.89 8.52
C ALA D 35 10.35 22.04 9.17
N TRP D 36 10.38 22.17 10.48
CA TRP D 36 11.63 22.33 11.24
C TRP D 36 11.97 21.05 11.99
N TYR D 37 13.22 20.62 11.85
CA TYR D 37 13.76 19.46 12.57
C TYR D 37 14.88 19.89 13.52
N GLN D 38 15.18 19.01 14.47
CA GLN D 38 16.28 19.19 15.42
C GLN D 38 17.12 17.93 15.44
N GLN D 39 18.44 18.09 15.52
CA GLN D 39 19.33 16.95 15.63
C GLN D 39 20.54 17.34 16.48
N LYS D 40 20.84 16.51 17.47
CA LYS D 40 22.05 16.66 18.26
C LYS D 40 23.20 15.91 17.61
N PRO D 41 24.43 16.13 18.07
CA PRO D 41 25.58 15.50 17.40
C PRO D 41 25.46 13.99 17.37
N GLY D 42 25.51 13.42 16.17
CA GLY D 42 25.54 11.99 16.01
C GLY D 42 24.30 11.27 16.53
N LYS D 43 23.12 11.76 16.16
CA LYS D 43 21.88 11.11 16.57
C LYS D 43 20.86 11.26 15.44
N ALA D 44 19.60 10.92 15.73
CA ALA D 44 18.53 10.93 14.75
C ALA D 44 17.76 12.23 14.82
N PRO D 45 17.62 12.98 13.74
CA PRO D 45 16.82 14.21 13.79
C PRO D 45 15.40 13.95 14.29
N LYS D 46 14.90 14.87 15.10
CA LYS D 46 13.53 14.84 15.57
C LYS D 46 12.72 15.93 14.87
N LEU D 47 11.41 15.73 14.81
CA LEU D 47 10.52 16.74 14.26
C LEU D 47 10.11 17.72 15.35
N LEU D 48 10.00 19.00 14.98
CA LEU D 48 9.58 20.05 15.90
C LEU D 48 8.31 20.74 15.42
N ILE D 49 8.35 21.36 14.24
CA ILE D 49 7.21 22.05 13.66
C ILE D 49 6.90 21.42 12.32
N TYR D 50 5.61 21.38 11.98
CA TYR D 50 5.16 20.91 10.68
C TYR D 50 4.12 21.88 10.14
N SER D 51 4.07 21.98 8.82
CA SER D 51 3.08 22.79 8.11
C SER D 51 3.31 24.29 8.33
N ALA D 52 4.49 24.65 8.82
CA ALA D 52 4.99 26.00 9.07
C ALA D 52 4.48 26.60 10.38
N SER D 53 3.54 25.97 11.08
CA SER D 53 3.04 26.57 12.32
C SER D 53 2.53 25.59 13.35
N SER D 54 2.64 24.28 13.15
CA SER D 54 1.99 23.31 14.04
C SER D 54 3.03 22.57 14.86
N LEU D 55 2.84 22.57 16.18
CA LEU D 55 3.75 21.90 17.09
C LEU D 55 3.53 20.40 17.09
N TYR D 56 4.62 19.65 17.08
CA TYR D 56 4.53 18.19 17.11
C TYR D 56 4.09 17.74 18.49
N SER D 57 3.43 16.57 18.54
CA SER D 57 2.96 16.07 19.82
C SER D 57 4.11 15.75 20.76
N GLY D 58 3.95 16.11 22.03
CA GLY D 58 4.94 15.84 23.05
C GLY D 58 6.14 16.75 23.06
N VAL D 59 6.08 17.87 22.35
CA VAL D 59 7.24 18.76 22.21
C VAL D 59 7.07 19.96 23.14
N PRO D 60 8.14 20.42 23.80
CA PRO D 60 8.04 21.65 24.60
C PRO D 60 7.46 22.81 23.79
N SER D 61 6.67 23.64 24.47
CA SER D 61 5.94 24.74 23.84
C SER D 61 6.84 25.89 23.43
N ARG D 62 8.10 25.92 23.87
CA ARG D 62 8.95 27.07 23.60
C ARG D 62 9.11 27.31 22.11
N PHE D 63 9.25 26.23 21.33
CA PHE D 63 9.41 26.36 19.89
C PHE D 63 8.11 26.83 19.24
N SER D 64 8.21 27.85 18.39
CA SER D 64 7.07 28.34 17.63
C SER D 64 7.53 28.79 16.26
N GLY D 65 6.66 28.61 15.26
CA GLY D 65 6.97 28.96 13.89
C GLY D 65 6.02 29.99 13.34
N SER D 66 6.56 31.03 12.70
CA SER D 66 5.78 32.14 12.17
C SER D 66 5.99 32.24 10.67
N ARG D 67 4.89 32.37 9.93
CA ARG D 67 4.94 32.50 8.48
C ARG D 67 5.09 33.94 8.01
N GLY D 69 5.21 37.03 6.28
CA GLY D 69 5.47 37.25 4.88
C GLY D 69 5.77 35.94 4.19
N THR D 70 6.91 35.88 3.52
CA THR D 70 7.38 34.66 2.86
C THR D 70 8.66 34.11 3.49
N ASP D 71 9.26 34.84 4.43
CA ASP D 71 10.47 34.41 5.12
C ASP D 71 10.07 33.70 6.42
N PHE D 72 10.15 32.38 6.42
CA PHE D 72 9.74 31.61 7.59
C PHE D 72 10.76 31.79 8.70
N THR D 73 10.27 31.82 9.95
CA THR D 73 11.15 31.94 11.10
C THR D 73 10.81 30.91 12.16
N LEU D 74 11.81 30.15 12.63
CA LEU D 74 11.66 29.27 13.79
C LEU D 74 11.94 30.19 14.99
N THR D 75 11.42 30.02 16.21
CA THR D 75 11.84 30.81 17.35
C THR D 75 11.82 29.97 18.62
N ILE D 76 12.73 30.14 19.60
CA ILE D 76 12.79 29.46 20.89
C ILE D 76 12.60 30.52 21.96
N SER D 77 11.55 30.36 22.79
CA SER D 77 11.24 31.39 23.77
C SER D 77 12.29 31.49 24.86
N SER D 78 12.70 30.34 25.42
CA SER D 78 13.70 30.33 26.49
C SER D 78 14.64 29.17 26.27
N LEU D 79 15.94 29.44 26.19
CA LEU D 79 16.90 28.38 25.96
C LEU D 79 17.11 27.56 27.23
N GLN D 80 17.46 26.30 27.03
CA GLN D 80 17.72 25.35 28.10
C GLN D 80 19.05 24.67 27.82
N PRO D 81 19.67 24.02 28.81
CA PRO D 81 20.90 23.29 28.50
C PRO D 81 20.69 22.21 27.44
N GLU D 82 19.53 21.55 27.45
CA GLU D 82 19.24 20.56 26.41
C GLU D 82 19.13 21.21 25.04
N ASP D 83 18.55 22.41 24.98
CA ASP D 83 18.30 23.09 23.70
C ASP D 83 19.60 23.70 23.18
N PHE D 84 20.49 22.83 22.71
CA PHE D 84 21.75 23.26 22.10
C PHE D 84 22.09 22.24 21.01
N ALA D 85 21.72 22.56 19.77
CA ALA D 85 21.86 21.63 18.66
C ALA D 85 21.67 22.41 17.36
N THR D 86 21.76 21.69 16.25
CA THR D 86 21.57 22.27 14.92
C THR D 86 20.10 22.16 14.53
N TYR D 87 19.61 23.15 13.81
CA TYR D 87 18.22 23.20 13.39
C TYR D 87 18.13 23.25 11.87
N TYR D 88 17.09 22.61 11.33
CA TYR D 88 16.97 22.37 9.90
C TYR D 88 15.57 22.76 9.45
N CYS D 89 15.48 23.40 8.28
CA CYS D 89 14.22 23.68 7.62
C CYS D 89 14.10 22.81 6.38
N GLN D 90 12.88 22.36 6.09
CA GLN D 90 12.62 21.40 5.02
C GLN D 90 11.45 21.91 4.21
N GLN D 91 11.73 22.45 3.02
CA GLN D 91 10.71 22.99 2.13
C GLN D 91 10.41 21.97 1.04
N SER D 92 9.12 21.73 0.79
CA SER D 92 8.71 20.91 -0.34
C SER D 92 8.94 21.66 -1.66
N SER D 93 8.59 21.02 -2.76
CA SER D 93 8.56 21.64 -4.07
C SER D 93 7.53 20.90 -4.91
N SER D 94 7.62 21.04 -6.24
CA SER D 94 6.70 20.33 -7.12
C SER D 94 6.69 18.84 -6.80
N SER D 95 7.84 18.17 -6.97
CA SER D 95 7.90 16.73 -6.73
C SER D 95 9.19 16.29 -6.06
N LEU D 96 9.94 17.20 -5.43
CA LEU D 96 11.12 16.81 -4.68
C LEU D 96 11.37 17.83 -3.57
N ILE D 97 11.57 17.33 -2.35
CA ILE D 97 11.79 18.21 -1.19
C ILE D 97 13.27 18.54 -1.10
N THR D 98 13.61 19.54 -0.28
CA THR D 98 15.00 19.95 -0.11
C THR D 98 15.20 20.55 1.27
N PHE D 99 16.19 20.05 1.99
CA PHE D 99 16.50 20.52 3.33
C PHE D 99 17.36 21.77 3.29
N GLY D 100 17.21 22.60 4.32
CA GLY D 100 18.00 23.81 4.46
C GLY D 100 19.44 23.50 4.86
N GLN D 101 20.28 24.52 4.73
CA GLN D 101 21.69 24.38 5.11
C GLN D 101 21.85 24.18 6.61
N GLY D 102 20.90 24.64 7.41
CA GLY D 102 20.90 24.36 8.84
C GLY D 102 21.81 25.28 9.64
N THR D 103 21.32 25.80 10.76
CA THR D 103 22.10 26.65 11.65
C THR D 103 22.32 25.90 12.96
N LYS D 104 23.20 26.45 13.81
CA LYS D 104 23.66 25.73 14.99
C LYS D 104 23.85 26.70 16.14
N VAL D 105 23.00 26.58 17.17
CA VAL D 105 23.14 27.40 18.36
C VAL D 105 24.34 26.89 19.16
N GLU D 106 24.80 27.72 20.10
CA GLU D 106 25.98 27.41 20.89
C GLU D 106 26.01 28.34 22.09
N ILE D 107 26.88 28.01 23.05
CA ILE D 107 26.91 28.68 24.35
C ILE D 107 27.80 29.91 24.25
N LYS D 108 27.22 31.07 24.57
CA LYS D 108 27.99 32.30 24.67
C LYS D 108 29.01 32.19 25.79
N ARG D 109 30.15 32.87 25.61
CA ARG D 109 31.21 32.83 26.60
C ARG D 109 32.21 33.93 26.30
N THR D 110 32.79 34.49 27.35
CA THR D 110 33.70 35.63 27.21
C THR D 110 34.83 35.32 26.24
N VAL D 111 35.42 36.38 25.68
CA VAL D 111 36.50 36.20 24.73
C VAL D 111 37.74 35.69 25.45
N ALA D 112 38.53 34.89 24.73
CA ALA D 112 39.80 34.37 25.24
C ALA D 112 40.80 34.37 24.10
N ALA D 113 42.09 34.26 24.45
CA ALA D 113 43.13 34.35 23.44
C ALA D 113 43.83 33.02 23.28
N PRO D 114 44.18 32.63 22.05
CA PRO D 114 44.81 31.33 21.84
C PRO D 114 46.23 31.29 22.39
N SER D 115 46.61 30.12 22.88
CA SER D 115 47.99 29.85 23.29
C SER D 115 48.63 29.03 22.18
N VAL D 116 49.69 29.57 21.56
CA VAL D 116 50.28 28.97 20.37
C VAL D 116 51.49 28.15 20.76
N PHE D 117 51.53 26.91 20.28
CA PHE D 117 52.67 26.02 20.45
C PHE D 117 53.04 25.47 19.09
N ILE D 118 54.32 25.54 18.74
CA ILE D 118 54.84 24.96 17.50
C ILE D 118 55.67 23.74 17.88
N PHE D 119 55.43 22.63 17.18
CA PHE D 119 56.10 21.37 17.49
C PHE D 119 57.05 20.99 16.36
N PRO D 120 58.35 20.83 16.62
CA PRO D 120 59.26 20.35 15.58
C PRO D 120 59.00 18.89 15.26
N PRO D 121 59.15 18.48 14.00
CA PRO D 121 58.98 17.07 13.66
C PRO D 121 59.89 16.18 14.49
N SER D 122 59.33 15.07 14.98
CA SER D 122 60.11 14.13 15.77
C SER D 122 61.15 13.43 14.90
N ASP D 123 62.23 12.99 15.54
CA ASP D 123 63.30 12.33 14.80
C ASP D 123 62.81 11.05 14.13
N SER D 124 61.99 10.27 14.83
CA SER D 124 61.51 9.01 14.26
C SER D 124 60.65 9.24 13.02
N GLN D 125 59.77 10.25 13.08
CA GLN D 125 58.93 10.55 11.93
C GLN D 125 59.78 10.95 10.74
N LEU D 126 60.83 11.73 10.96
CA LEU D 126 61.75 12.07 9.88
C LEU D 126 62.43 10.80 9.37
N LYS D 127 62.76 9.88 10.28
CA LYS D 127 63.41 8.63 9.90
C LYS D 127 62.53 7.84 8.94
N SER D 128 61.21 7.86 9.18
CA SER D 128 60.28 7.23 8.24
C SER D 128 60.33 7.95 6.89
N GLY D 129 60.54 9.26 6.89
CA GLY D 129 60.58 10.07 5.69
C GLY D 129 59.49 11.12 5.58
N THR D 130 58.65 11.27 6.61
CA THR D 130 57.57 12.25 6.61
C THR D 130 57.85 13.30 7.67
N ALA D 131 57.64 14.57 7.33
CA ALA D 131 57.78 15.68 8.27
C ALA D 131 56.44 16.37 8.46
N SER D 132 56.04 16.50 9.72
CA SER D 132 54.79 17.18 10.09
C SER D 132 55.10 18.28 11.10
N VAL D 133 54.65 19.50 10.81
CA VAL D 133 54.77 20.63 11.72
C VAL D 133 53.38 20.95 12.22
N VAL D 134 53.21 20.97 13.55
CA VAL D 134 51.91 21.17 14.18
C VAL D 134 51.90 22.50 14.93
N CYS D 135 50.89 23.32 14.63
CA CYS D 135 50.63 24.57 15.34
C CYS D 135 49.37 24.35 16.16
N LEU D 136 49.48 24.51 17.47
CA LEU D 136 48.38 24.23 18.39
C LEU D 136 47.86 25.52 19.01
N LEU D 137 46.56 25.75 18.87
CA LEU D 137 45.85 26.84 19.52
C LEU D 137 44.97 26.24 20.60
N ASN D 138 45.16 26.69 21.85
CA ASN D 138 44.49 26.08 22.99
C ASN D 138 43.64 27.09 23.73
N ASN D 139 42.43 26.67 24.09
CA ASN D 139 41.51 27.43 24.92
C ASN D 139 41.29 28.84 24.37
N PHE D 140 40.86 28.90 23.11
CA PHE D 140 40.55 30.16 22.45
C PHE D 140 39.05 30.22 22.16
N TYR D 141 38.43 31.34 22.49
CA TYR D 141 37.04 31.59 22.16
C TYR D 141 36.93 32.90 21.39
N PRO D 142 36.23 32.94 20.25
CA PRO D 142 35.34 31.94 19.65
C PRO D 142 36.01 31.00 18.64
N ARG D 143 35.20 30.30 17.86
CA ARG D 143 35.71 29.37 16.86
C ARG D 143 36.50 30.08 15.77
N GLU D 144 36.04 31.26 15.33
CA GLU D 144 36.67 31.91 14.20
C GLU D 144 38.12 32.30 14.52
N ALA D 145 39.03 31.93 13.63
CA ALA D 145 40.45 32.21 13.74
C ALA D 145 41.07 31.96 12.38
N LYS D 146 42.29 32.47 12.18
CA LYS D 146 43.03 32.19 10.97
C LYS D 146 44.46 31.80 11.31
N VAL D 147 44.92 30.70 10.71
CA VAL D 147 46.29 30.21 10.86
C VAL D 147 46.95 30.21 9.49
N GLN D 148 48.13 30.82 9.39
CA GLN D 148 48.87 30.90 8.15
C GLN D 148 50.28 30.36 8.35
N TRP D 149 50.75 29.57 7.39
CA TRP D 149 52.06 28.94 7.45
C TRP D 149 53.03 29.72 6.60
N LYS D 150 54.09 30.24 7.22
CA LYS D 150 55.16 30.94 6.53
C LYS D 150 56.46 30.16 6.71
N VAL D 151 57.03 29.70 5.60
CA VAL D 151 58.28 28.94 5.61
C VAL D 151 59.32 29.80 4.89
N ASP D 152 60.41 30.10 5.59
CA ASP D 152 61.47 30.95 5.03
C ASP D 152 60.86 32.27 4.56
N ASN D 153 59.95 32.79 5.39
CA ASN D 153 59.24 34.05 5.14
C ASN D 153 58.43 33.99 3.85
N ALA D 154 57.95 32.80 3.47
CA ALA D 154 57.10 32.64 2.30
C ALA D 154 55.83 31.90 2.68
N LEU D 155 54.68 32.49 2.40
CA LEU D 155 53.42 31.83 2.72
C LEU D 155 53.21 30.61 1.82
N GLN D 156 52.74 29.50 2.43
CA GLN D 156 52.52 28.25 1.69
C GLN D 156 51.00 28.08 1.52
N SER D 157 50.52 27.34 0.50
CA SER D 157 49.11 27.03 0.30
C SER D 157 48.93 25.61 -0.21
N GLY D 158 47.79 25.00 0.15
CA GLY D 158 47.46 23.67 -0.32
C GLY D 158 48.11 22.51 0.40
N ASN D 159 48.90 22.77 1.44
CA ASN D 159 49.60 21.69 2.15
C ASN D 159 49.26 21.60 3.64
N SER D 160 48.17 22.23 4.11
CA SER D 160 47.84 22.19 5.53
C SER D 160 46.38 21.80 5.72
N GLN D 161 46.09 21.25 6.90
CA GLN D 161 44.76 20.82 7.29
C GLN D 161 44.46 21.28 8.71
N GLU D 162 43.21 21.65 8.98
CA GLU D 162 42.79 22.16 10.27
C GLU D 162 41.71 21.27 10.87
N SER D 163 41.80 21.03 12.18
CA SER D 163 40.81 20.27 12.93
C SER D 163 40.41 21.04 14.18
N VAL D 164 39.10 21.15 14.43
CA VAL D 164 38.57 21.90 15.56
C VAL D 164 37.77 20.97 16.46
N THR D 165 37.99 21.08 17.77
CA THR D 165 37.23 20.34 18.76
C THR D 165 35.88 20.99 19.03
N GLU D 166 34.99 20.22 19.64
CA GLU D 166 33.71 20.75 20.11
C GLU D 166 33.90 21.50 21.42
N GLN D 167 32.89 22.27 21.80
CA GLN D 167 33.00 23.10 23.00
C GLN D 167 33.26 22.23 24.22
N ASP D 168 34.19 22.69 25.07
CA ASP D 168 34.50 21.97 26.28
C ASP D 168 33.33 22.03 27.26
N SER D 169 33.16 20.93 28.01
CA SER D 169 32.06 20.87 28.98
C SER D 169 32.27 21.85 30.13
N LYS D 170 33.50 21.96 30.63
CA LYS D 170 33.73 22.79 31.82
C LYS D 170 33.82 24.28 31.49
N ASP D 171 34.57 24.65 30.44
CA ASP D 171 34.83 26.06 30.16
C ASP D 171 34.32 26.54 28.82
N SER D 172 33.69 25.69 28.02
CA SER D 172 33.10 26.11 26.74
C SER D 172 34.14 26.80 25.85
N THR D 173 35.30 26.15 25.70
CA THR D 173 36.39 26.66 24.90
C THR D 173 36.80 25.62 23.86
N TYR D 174 37.46 26.10 22.80
CA TYR D 174 37.86 25.26 21.68
C TYR D 174 39.38 25.18 21.60
N SER D 175 39.84 24.14 20.90
CA SER D 175 41.24 23.96 20.56
C SER D 175 41.34 23.68 19.07
N LEU D 176 42.36 24.23 18.43
CA LEU D 176 42.59 24.03 17.00
C LEU D 176 44.00 23.51 16.78
N SER D 177 44.14 22.46 15.98
CA SER D 177 45.43 21.95 15.55
C SER D 177 45.53 22.06 14.03
N SER D 178 46.56 22.74 13.55
CA SER D 178 46.84 22.85 12.13
C SER D 178 48.14 22.11 11.84
N THR D 179 48.11 21.20 10.89
CA THR D 179 49.24 20.34 10.59
C THR D 179 49.75 20.60 9.17
N LEU D 180 51.04 20.87 9.07
CA LEU D 180 51.72 21.03 7.79
C LEU D 180 52.47 19.75 7.47
N THR D 181 52.23 19.17 6.29
CA THR D 181 52.92 17.96 5.87
C THR D 181 53.89 18.32 4.76
N LEU D 182 55.17 18.02 4.98
CA LEU D 182 56.22 18.29 4.00
C LEU D 182 57.05 17.03 3.78
N SER D 183 57.54 16.87 2.55
CA SER D 183 58.45 15.77 2.28
C SER D 183 59.74 15.97 3.08
N LYS D 184 60.38 14.84 3.44
CA LYS D 184 61.58 14.96 4.26
C LYS D 184 62.65 15.78 3.54
N ALA D 185 62.79 15.58 2.22
CA ALA D 185 63.76 16.37 1.47
C ALA D 185 63.40 17.85 1.51
N ASP D 186 62.12 18.17 1.34
CA ASP D 186 61.69 19.57 1.39
C ASP D 186 61.95 20.13 2.79
N TYR D 187 61.73 19.33 3.83
CA TYR D 187 62.00 19.80 5.18
C TYR D 187 63.48 20.13 5.34
N GLU D 188 64.35 19.28 4.80
CA GLU D 188 65.78 19.54 4.88
C GLU D 188 66.17 20.80 4.11
N LYS D 189 65.50 21.09 2.99
CA LYS D 189 65.92 22.22 2.17
C LYS D 189 65.83 23.55 2.93
N HIS D 190 64.75 23.77 3.68
CA HIS D 190 64.52 25.06 4.31
C HIS D 190 64.98 25.06 5.76
N LYS D 191 65.15 26.26 6.31
CA LYS D 191 65.69 26.45 7.65
C LYS D 191 64.73 27.08 8.65
N VAL D 192 63.80 27.93 8.23
CA VAL D 192 62.93 28.66 9.14
C VAL D 192 61.47 28.25 8.89
N TYR D 193 60.80 27.81 9.96
CA TYR D 193 59.41 27.37 9.90
C TYR D 193 58.63 28.08 10.99
N ALA D 194 57.45 28.60 10.66
CA ALA D 194 56.66 29.35 11.62
C ALA D 194 55.19 29.30 11.22
N CYS D 195 54.33 29.50 12.22
CA CYS D 195 52.89 29.62 12.02
C CYS D 195 52.42 30.94 12.60
N GLU D 196 51.64 31.69 11.82
CA GLU D 196 51.12 33.00 12.20
C GLU D 196 49.63 32.89 12.49
N VAL D 197 49.21 33.35 13.67
CA VAL D 197 47.84 33.22 14.15
C VAL D 197 47.25 34.61 14.32
N THR D 198 46.07 34.83 13.73
CA THR D 198 45.30 36.06 13.89
C THR D 198 43.96 35.73 14.54
N HIS D 199 43.58 36.50 15.56
CA HIS D 199 42.34 36.27 16.28
C HIS D 199 41.74 37.62 16.66
N GLN D 200 40.47 37.60 17.06
CA GLN D 200 39.83 38.84 17.53
C GLN D 200 40.54 39.40 18.75
N GLY D 201 40.87 38.54 19.72
CA GLY D 201 41.53 39.01 20.92
C GLY D 201 42.92 39.55 20.65
N LEU D 202 43.67 38.90 19.76
CA LEU D 202 45.05 39.28 19.52
C LEU D 202 45.12 40.66 18.86
N SER D 203 45.93 41.55 19.43
CA SER D 203 46.12 42.87 18.83
C SER D 203 46.87 42.76 17.51
N SER D 204 47.88 41.90 17.44
CA SER D 204 48.71 41.74 16.26
C SER D 204 48.94 40.26 16.02
N PRO D 205 49.30 39.87 14.79
CA PRO D 205 49.59 38.47 14.51
C PRO D 205 50.72 37.93 15.38
N VAL D 206 50.53 36.73 15.90
CA VAL D 206 51.47 36.08 16.81
C VAL D 206 52.18 34.98 16.05
N THR D 207 53.51 35.00 16.06
CA THR D 207 54.34 34.05 15.33
C THR D 207 55.23 33.28 16.29
N LYS D 208 55.22 31.95 16.17
CA LYS D 208 56.15 31.09 16.89
C LYS D 208 57.05 30.41 15.88
N SER D 209 58.36 30.48 16.13
CA SER D 209 59.36 29.99 15.18
C SER D 209 60.34 29.04 15.85
N PHE D 210 60.78 28.03 15.10
CA PHE D 210 61.84 27.12 15.51
C PHE D 210 62.84 27.05 14.36
N ASN D 211 63.93 26.33 14.56
CA ASN D 211 65.02 26.32 13.59
C ASN D 211 65.53 24.90 13.39
N ARG D 212 65.47 24.44 12.16
CA ARG D 212 65.85 23.07 11.81
C ARG D 212 67.26 22.75 12.28
C1 FO9 E . -43.50 -34.23 -28.11
C2 FO9 E . -44.40 -34.60 -26.96
N2 FO9 E . -49.25 -33.20 -19.76
O1 FO9 E . -46.47 -35.10 -31.20
S2 FO9 E . -45.38 -34.25 -31.56
O FO9 E . -44.65 -35.15 -32.39
N6 FO9 E . -45.86 -32.92 -32.49
N5 FO9 E . -44.59 -33.85 -30.14
C FO9 E . -44.16 -34.70 -29.37
N FO9 E . -44.30 -36.10 -29.63
S FO9 E . -43.65 -34.12 -25.42
C3 FO9 E . -44.14 -32.54 -24.77
C4 FO9 E . -45.57 -32.61 -24.32
N4 FO9 E . -46.05 -32.73 -22.95
C6 FO9 E . -47.41 -32.75 -22.89
S1 FO9 E . -47.95 -32.62 -24.33
C5 FO9 E . -46.65 -32.53 -25.16
N1 FO9 E . -48.33 -32.89 -21.82
C7 FO9 E . -48.11 -33.03 -20.62
N3 FO9 E . -46.80 -33.01 -20.02
#